data_8STE
#
_entry.id   8STE
#
_cell.length_a   1.00
_cell.length_b   1.00
_cell.length_c   1.00
_cell.angle_alpha   90.00
_cell.angle_beta   90.00
_cell.angle_gamma   90.00
#
_symmetry.space_group_name_H-M   'P 1'
#
loop_
_entity.id
_entity.type
_entity.pdbx_description
1 polymer 'Solute carrier family 12 member 2'
2 non-polymer '5-(AMINOSULFONYL)-4-CHLORO-2-[(2-FURYLMETHYL)AMINO]BENZOIC ACID'
#
_entity_poly.entity_id   1
_entity_poly.type   'polypeptide(L)'
_entity_poly.pdbx_seq_one_letter_code
;SSTQALTYLNALQHSIRLSGVEDHVKNFRPQCLVMTGAPNSRPALLHLVHDFTKNVGLMICGHVHMGPRRQAMKEMSIDQ
AKYQRWLIKNKMKAFYAPVHADDLREGAQYLMQAAGLGRMKPNTLVLGFKKDWLQADMRDVDMYINLFHDAFDIQYGVVV
IRLKEGLDISHLQGQESKGPIVPLNVADQKLLEASTQFQKKQGKNTIDVWWLFDDGGLTLLIPYLLTTKKKWKDCKIRVF
IGGKINRIDHDRRAMATLLSKFRIDFSDIMVLGDINTKPKKENIIAFEEIIEPYRLHEDDKEQDIADKMKEDEPWRITDN
ELELYKTKTYRQIRLNELLKEHSSTANIIVMSLPVARKGAVSSALYMAWLEALSKDLPPILLVRGNHQSVLTF
;
_entity_poly.pdbx_strand_id   A,B
#
loop_
_chem_comp.id
_chem_comp.type
_chem_comp.name
_chem_comp.formula
FUN non-polymer '5-(AMINOSULFONYL)-4-CHLORO-2-[(2-FURYLMETHYL)AMINO]BENZOIC ACID' 'C12 H11 Cl N2 O5 S'
#
# COMPACT_ATOMS: atom_id res chain seq x y z
N SER A 1 -5.23 22.13 17.77
CA SER A 1 -4.42 23.19 17.17
C SER A 1 -3.12 23.37 17.95
N SER A 2 -2.00 23.04 17.30
CA SER A 2 -0.66 23.12 17.84
C SER A 2 -0.37 22.03 18.87
N THR A 3 -1.36 21.20 19.21
CA THR A 3 -1.18 20.14 20.19
C THR A 3 -1.79 18.84 19.67
N GLN A 4 -1.74 18.65 18.36
CA GLN A 4 -2.19 17.40 17.76
C GLN A 4 -1.28 16.23 18.07
N ALA A 5 -0.09 16.48 18.62
CA ALA A 5 0.82 15.38 18.94
C ALA A 5 0.19 14.40 19.91
N LEU A 6 -0.66 14.87 20.83
CA LEU A 6 -1.31 13.97 21.76
C LEU A 6 -2.24 13.01 21.02
N THR A 7 -3.02 13.53 20.08
CA THR A 7 -3.88 12.66 19.29
C THR A 7 -3.07 11.64 18.50
N TYR A 8 -1.97 12.08 17.89
CA TYR A 8 -1.15 11.17 17.12
C TYR A 8 -0.59 10.06 17.99
N LEU A 9 -0.06 10.43 19.16
CA LEU A 9 0.52 9.43 20.04
C LEU A 9 -0.53 8.45 20.55
N ASN A 10 -1.73 8.97 20.87
CA ASN A 10 -2.81 8.09 21.30
C ASN A 10 -3.17 7.11 20.19
N ALA A 11 -3.30 7.61 18.97
CA ALA A 11 -3.64 6.74 17.85
C ALA A 11 -2.59 5.66 17.66
N LEU A 12 -1.32 6.05 17.71
CA LEU A 12 -0.24 5.09 17.52
C LEU A 12 -0.25 4.04 18.62
N GLN A 13 -0.41 4.46 19.88
CA GLN A 13 -0.42 3.51 20.97
C GLN A 13 -1.57 2.52 20.84
N HIS A 14 -2.76 3.02 20.49
CA HIS A 14 -3.90 2.14 20.36
C HIS A 14 -3.74 1.19 19.18
N SER A 15 -3.16 1.67 18.07
CA SER A 15 -2.91 0.79 16.94
C SER A 15 -1.93 -0.32 17.31
N ILE A 16 -0.88 0.03 18.06
CA ILE A 16 0.07 -0.99 18.49
C ILE A 16 -0.62 -2.00 19.39
N ARG A 17 -1.43 -1.52 20.33
CA ARG A 17 -2.17 -2.43 21.20
C ARG A 17 -3.03 -3.37 20.37
N LEU A 18 -3.74 -2.84 19.39
CA LEU A 18 -4.58 -3.67 18.53
C LEU A 18 -3.76 -4.72 17.80
N SER A 19 -2.60 -4.32 17.27
CA SER A 19 -1.71 -5.28 16.64
C SER A 19 -1.22 -6.32 17.64
N GLY A 20 -1.28 -6.01 18.94
CA GLY A 20 -0.85 -6.98 19.94
C GLY A 20 -1.66 -8.26 19.92
N VAL A 21 -2.95 -8.17 19.57
CA VAL A 21 -3.79 -9.36 19.58
C VAL A 21 -3.24 -10.40 18.60
N GLU A 22 -3.63 -11.66 18.81
CA GLU A 22 -3.10 -12.78 18.03
C GLU A 22 -4.16 -13.60 17.33
N ASP A 23 -5.44 -13.53 17.73
CA ASP A 23 -6.50 -14.33 17.15
C ASP A 23 -7.30 -13.50 16.16
N HIS A 24 -7.43 -14.00 14.94
CA HIS A 24 -8.22 -13.35 13.91
C HIS A 24 -9.42 -14.17 13.46
N VAL A 25 -9.39 -15.49 13.65
CA VAL A 25 -10.49 -16.33 13.18
C VAL A 25 -11.79 -15.96 13.89
N LYS A 26 -11.70 -15.59 15.16
CA LYS A 26 -12.90 -15.33 15.95
C LYS A 26 -13.75 -14.22 15.33
N ASN A 27 -13.14 -13.08 15.04
CA ASN A 27 -13.85 -11.92 14.53
C ASN A 27 -13.44 -11.67 13.08
N PHE A 28 -14.43 -11.68 12.19
CA PHE A 28 -14.18 -11.32 10.79
C PHE A 28 -14.01 -9.81 10.64
N ARG A 29 -14.84 -9.02 11.30
CA ARG A 29 -14.65 -7.59 11.35
C ARG A 29 -14.53 -6.99 9.95
N PRO A 30 -15.64 -6.86 9.21
CA PRO A 30 -15.54 -6.42 7.82
C PRO A 30 -14.83 -5.08 7.69
N GLN A 31 -13.69 -5.08 7.00
CA GLN A 31 -12.96 -3.86 6.66
C GLN A 31 -13.06 -3.66 5.16
N CYS A 32 -13.57 -2.50 4.75
CA CYS A 32 -13.94 -2.26 3.36
C CYS A 32 -12.96 -1.31 2.69
N LEU A 33 -12.66 -1.59 1.43
CA LEU A 33 -11.87 -0.69 0.58
C LEU A 33 -12.78 -0.26 -0.55
N VAL A 34 -13.24 0.98 -0.50
CA VAL A 34 -14.24 1.48 -1.45
C VAL A 34 -13.51 2.14 -2.60
N MET A 35 -13.65 1.58 -3.80
CA MET A 35 -12.98 2.09 -4.98
C MET A 35 -13.93 2.95 -5.79
N THR A 36 -14.13 4.17 -5.31
CA THR A 36 -14.91 5.17 -6.04
C THR A 36 -14.00 6.17 -6.70
N GLY A 37 -14.50 6.82 -7.74
CA GLY A 37 -13.70 7.80 -8.45
C GLY A 37 -13.25 8.93 -7.56
N ALA A 38 -14.17 9.50 -6.79
CA ALA A 38 -13.85 10.55 -5.84
C ALA A 38 -14.92 10.54 -4.77
N PRO A 39 -14.59 10.76 -3.50
CA PRO A 39 -15.62 10.66 -2.46
C PRO A 39 -16.82 11.55 -2.71
N ASN A 40 -16.61 12.73 -3.30
CA ASN A 40 -17.72 13.62 -3.57
C ASN A 40 -18.70 12.99 -4.55
N SER A 41 -18.19 12.32 -5.58
CA SER A 41 -19.04 11.61 -6.52
C SER A 41 -19.56 10.31 -5.88
N ARG A 42 -20.74 9.90 -6.30
CA ARG A 42 -21.36 8.70 -5.76
C ARG A 42 -21.56 8.81 -4.26
N PRO A 43 -22.16 9.89 -3.77
CA PRO A 43 -22.40 9.99 -2.32
C PRO A 43 -23.29 8.87 -1.77
N ALA A 44 -24.28 8.42 -2.55
CA ALA A 44 -25.19 7.40 -2.05
C ALA A 44 -24.47 6.09 -1.81
N LEU A 45 -23.57 5.70 -2.72
CA LEU A 45 -22.78 4.50 -2.50
C LEU A 45 -21.94 4.62 -1.24
N LEU A 46 -21.35 5.80 -1.02
CA LEU A 46 -20.55 6.00 0.19
C LEU A 46 -21.41 5.83 1.43
N HIS A 47 -22.60 6.42 1.43
CA HIS A 47 -23.48 6.30 2.60
C HIS A 47 -23.86 4.85 2.84
N LEU A 48 -24.17 4.11 1.77
CA LEU A 48 -24.63 2.73 1.94
C LEU A 48 -23.50 1.83 2.42
N VAL A 49 -22.29 2.03 1.91
CA VAL A 49 -21.16 1.23 2.40
C VAL A 49 -20.81 1.63 3.83
N HIS A 50 -20.98 2.91 4.17
CA HIS A 50 -20.74 3.36 5.53
C HIS A 50 -21.75 2.78 6.51
N ASP A 51 -22.98 2.55 6.06
CA ASP A 51 -24.02 2.06 6.96
C ASP A 51 -23.60 0.74 7.60
N PHE A 52 -23.15 -0.22 6.80
CA PHE A 52 -22.76 -1.51 7.34
C PHE A 52 -21.29 -1.57 7.74
N THR A 53 -20.54 -0.49 7.54
CA THR A 53 -19.16 -0.39 8.03
C THR A 53 -19.05 0.93 8.79
N LYS A 54 -19.48 0.91 10.04
CA LYS A 54 -19.42 2.08 10.92
C LYS A 54 -19.51 1.57 12.34
N ASN A 55 -18.44 1.78 13.11
CA ASN A 55 -18.31 1.21 14.45
C ASN A 55 -18.29 -0.31 14.42
N VAL A 56 -18.17 -0.91 13.24
CA VAL A 56 -18.02 -2.35 13.10
C VAL A 56 -16.91 -2.67 12.11
N GLY A 57 -16.07 -1.69 11.84
CA GLY A 57 -14.99 -1.84 10.87
C GLY A 57 -14.74 -0.54 10.15
N LEU A 58 -13.54 -0.39 9.61
CA LEU A 58 -13.18 0.83 8.92
C LEU A 58 -13.55 0.73 7.45
N MET A 59 -13.56 1.89 6.79
CA MET A 59 -13.72 1.97 5.35
C MET A 59 -12.67 2.91 4.80
N ILE A 60 -11.97 2.45 3.77
CA ILE A 60 -10.88 3.21 3.14
C ILE A 60 -11.35 3.59 1.75
N CYS A 61 -11.64 4.87 1.56
CA CYS A 61 -12.05 5.35 0.25
C CYS A 61 -10.80 5.55 -0.58
N GLY A 62 -10.53 4.61 -1.48
CA GLY A 62 -9.33 4.65 -2.30
C GLY A 62 -9.53 5.51 -3.53
N HIS A 63 -8.43 6.09 -4.01
CA HIS A 63 -8.47 6.97 -5.17
C HIS A 63 -7.14 6.82 -5.92
N VAL A 64 -7.21 6.22 -7.11
CA VAL A 64 -6.02 5.96 -7.92
C VAL A 64 -5.84 7.17 -8.83
N HIS A 65 -5.19 8.20 -8.31
CA HIS A 65 -4.84 9.34 -9.14
C HIS A 65 -3.83 8.91 -10.19
N MET A 66 -4.10 9.27 -11.45
CA MET A 66 -3.21 8.97 -12.55
C MET A 66 -3.03 10.22 -13.40
N GLY A 67 -1.79 10.52 -13.76
CA GLY A 67 -1.48 11.72 -14.49
C GLY A 67 0.02 11.90 -14.62
N PRO A 68 0.47 13.14 -14.86
CA PRO A 68 1.90 13.39 -14.94
C PRO A 68 2.57 13.19 -13.59
N ARG A 69 3.66 12.41 -13.61
CA ARG A 69 4.38 12.10 -12.38
C ARG A 69 5.03 13.34 -11.78
N ARG A 70 5.32 14.36 -12.57
CA ARG A 70 6.01 15.50 -12.01
C ARG A 70 5.21 16.14 -10.92
N GLN A 71 4.01 16.55 -11.24
CA GLN A 71 3.19 17.27 -10.27
C GLN A 71 2.20 16.36 -9.56
N ALA A 72 2.46 15.05 -9.53
CA ALA A 72 1.54 14.13 -8.89
C ALA A 72 1.43 14.42 -7.40
N MET A 73 2.56 14.73 -6.75
CA MET A 73 2.54 14.88 -5.30
C MET A 73 1.67 16.05 -4.85
N LYS A 74 1.81 17.21 -5.50
CA LYS A 74 1.01 18.36 -5.09
C LYS A 74 -0.47 18.13 -5.36
N GLU A 75 -0.80 17.54 -6.50
CA GLU A 75 -2.20 17.25 -6.80
C GLU A 75 -2.78 16.29 -5.80
N MET A 76 -2.05 15.22 -5.48
CA MET A 76 -2.54 14.26 -4.51
C MET A 76 -2.69 14.89 -3.14
N SER A 77 -1.78 15.79 -2.76
CA SER A 77 -1.86 16.42 -1.45
C SER A 77 -3.09 17.32 -1.36
N ILE A 78 -3.31 18.17 -2.36
CA ILE A 78 -4.49 19.04 -2.33
C ILE A 78 -5.76 18.19 -2.37
N ASP A 79 -5.76 17.12 -3.16
CA ASP A 79 -6.93 16.26 -3.23
C ASP A 79 -7.19 15.59 -1.89
N GLN A 80 -6.14 15.13 -1.21
CA GLN A 80 -6.33 14.50 0.09
C GLN A 80 -6.89 15.48 1.08
N ALA A 81 -6.33 16.69 1.14
CA ALA A 81 -6.87 17.69 2.06
C ALA A 81 -8.34 17.95 1.78
N LYS A 82 -8.66 18.24 0.51
CA LYS A 82 -10.03 18.63 0.16
C LYS A 82 -11.00 17.49 0.42
N TYR A 83 -10.67 16.27 -0.01
CA TYR A 83 -11.60 15.16 0.13
C TYR A 83 -11.71 14.69 1.56
N GLN A 84 -10.64 14.77 2.34
CA GLN A 84 -10.77 14.47 3.76
C GLN A 84 -11.67 15.47 4.47
N ARG A 85 -11.52 16.76 4.14
CA ARG A 85 -12.41 17.75 4.74
C ARG A 85 -13.85 17.49 4.34
N TRP A 86 -14.10 17.20 3.06
CA TRP A 86 -15.45 16.92 2.60
C TRP A 86 -16.01 15.67 3.28
N LEU A 87 -15.18 14.65 3.43
CA LEU A 87 -15.62 13.37 3.95
C LEU A 87 -15.86 13.43 5.45
N ILE A 88 -15.20 14.34 6.16
CA ILE A 88 -15.52 14.53 7.57
C ILE A 88 -16.71 15.47 7.73
N LYS A 89 -16.92 16.39 6.79
CA LYS A 89 -18.11 17.24 6.85
C LYS A 89 -19.37 16.38 6.83
N ASN A 90 -19.46 15.46 5.88
CA ASN A 90 -20.54 14.47 5.85
C ASN A 90 -20.07 13.31 6.70
N LYS A 91 -20.36 13.38 8.00
CA LYS A 91 -19.66 12.57 8.99
C LYS A 91 -19.57 11.11 8.53
N MET A 92 -18.34 10.67 8.25
CA MET A 92 -18.07 9.31 7.82
C MET A 92 -16.78 8.85 8.47
N LYS A 93 -16.78 7.62 8.97
CA LYS A 93 -15.57 7.04 9.56
C LYS A 93 -14.69 6.43 8.49
N ALA A 94 -14.37 7.21 7.47
CA ALA A 94 -13.67 6.73 6.29
C ALA A 94 -12.33 7.44 6.13
N PHE A 95 -11.31 6.68 5.77
CA PHE A 95 -9.98 7.23 5.52
C PHE A 95 -9.77 7.36 4.02
N TYR A 96 -9.41 8.55 3.57
CA TYR A 96 -9.12 8.76 2.16
C TYR A 96 -7.70 8.26 1.87
N ALA A 97 -7.58 7.36 0.90
CA ALA A 97 -6.30 6.74 0.55
C ALA A 97 -6.03 7.01 -0.93
N PRO A 98 -5.27 8.04 -1.26
CA PRO A 98 -4.87 8.25 -2.65
C PRO A 98 -3.54 7.59 -2.96
N VAL A 99 -3.41 7.09 -4.18
CA VAL A 99 -2.17 6.54 -4.68
C VAL A 99 -1.96 7.04 -6.10
N HIS A 100 -0.75 6.85 -6.60
CA HIS A 100 -0.40 7.17 -7.98
C HIS A 100 -0.13 5.89 -8.73
N ALA A 101 -0.78 5.73 -9.88
CA ALA A 101 -0.58 4.55 -10.70
C ALA A 101 -0.85 4.93 -12.15
N ASP A 102 -0.28 4.14 -13.06
CA ASP A 102 -0.48 4.38 -14.49
C ASP A 102 -1.85 3.96 -14.97
N ASP A 103 -2.56 3.15 -14.19
CA ASP A 103 -3.89 2.69 -14.55
C ASP A 103 -4.60 2.19 -13.31
N LEU A 104 -5.91 2.00 -13.42
CA LEU A 104 -6.70 1.62 -12.26
C LEU A 104 -6.24 0.31 -11.65
N ARG A 105 -5.78 -0.64 -12.46
CA ARG A 105 -5.39 -1.93 -11.93
C ARG A 105 -4.20 -1.80 -10.99
N GLU A 106 -3.18 -1.04 -11.38
CA GLU A 106 -2.00 -0.91 -10.54
C GLU A 106 -2.32 -0.19 -9.24
N GLY A 107 -3.08 0.91 -9.31
CA GLY A 107 -3.45 1.61 -8.09
C GLY A 107 -4.28 0.74 -7.17
N ALA A 108 -5.22 -0.02 -7.75
CA ALA A 108 -6.00 -0.94 -6.95
C ALA A 108 -5.10 -1.97 -6.27
N GLN A 109 -4.09 -2.47 -6.99
CA GLN A 109 -3.18 -3.42 -6.38
C GLN A 109 -2.41 -2.78 -5.21
N TYR A 110 -1.95 -1.54 -5.40
CA TYR A 110 -1.28 -0.84 -4.30
C TYR A 110 -2.19 -0.79 -3.09
N LEU A 111 -3.42 -0.31 -3.26
CA LEU A 111 -4.33 -0.17 -2.13
C LEU A 111 -4.63 -1.52 -1.50
N MET A 112 -4.82 -2.54 -2.33
CA MET A 112 -5.29 -3.83 -1.85
C MET A 112 -4.20 -4.62 -1.13
N GLN A 113 -2.94 -4.38 -1.45
CA GLN A 113 -1.86 -5.10 -0.81
C GLN A 113 -1.13 -4.32 0.26
N ALA A 114 -1.26 -3.00 0.29
CA ALA A 114 -0.47 -2.19 1.21
C ALA A 114 -1.26 -1.38 2.22
N ALA A 115 -2.49 -0.97 1.90
CA ALA A 115 -3.23 -0.08 2.78
C ALA A 115 -3.48 -0.73 4.13
N GLY A 116 -3.42 0.08 5.19
CA GLY A 116 -3.74 -0.37 6.53
C GLY A 116 -2.50 -0.71 7.34
N LEU A 117 -2.66 -0.69 8.66
CA LEU A 117 -1.63 -1.06 9.61
C LEU A 117 -2.08 -2.25 10.43
N GLY A 118 -1.23 -3.27 10.51
CA GLY A 118 -1.49 -4.39 11.38
C GLY A 118 -2.83 -5.05 11.13
N ARG A 119 -3.77 -4.87 12.06
CA ARG A 119 -5.07 -5.51 11.96
C ARG A 119 -6.11 -4.67 11.22
N MET A 120 -5.87 -3.39 11.01
CA MET A 120 -6.80 -2.54 10.27
C MET A 120 -6.46 -2.56 8.78
N LYS A 121 -6.51 -3.76 8.21
CA LYS A 121 -6.27 -3.95 6.79
C LYS A 121 -7.56 -4.31 6.10
N PRO A 122 -7.93 -3.65 5.00
CA PRO A 122 -9.18 -4.01 4.32
C PRO A 122 -9.19 -5.47 3.91
N ASN A 123 -10.35 -6.10 4.05
CA ASN A 123 -10.53 -7.48 3.64
C ASN A 123 -11.71 -7.68 2.70
N THR A 124 -12.37 -6.60 2.27
CA THR A 124 -13.35 -6.66 1.20
C THR A 124 -13.16 -5.44 0.31
N LEU A 125 -13.52 -5.59 -0.95
CA LEU A 125 -13.39 -4.54 -1.96
C LEU A 125 -14.79 -4.17 -2.44
N VAL A 126 -15.15 -2.90 -2.31
CA VAL A 126 -16.46 -2.41 -2.66
C VAL A 126 -16.34 -1.59 -3.94
N LEU A 127 -17.09 -1.96 -4.97
CA LEU A 127 -17.08 -1.27 -6.25
C LEU A 127 -18.49 -0.82 -6.59
N GLY A 128 -18.63 0.42 -7.04
CA GLY A 128 -19.88 0.85 -7.62
C GLY A 128 -20.01 0.30 -9.03
N PHE A 129 -21.20 -0.19 -9.35
CA PHE A 129 -21.41 -0.79 -10.66
C PHE A 129 -21.15 0.23 -11.76
N LYS A 130 -20.40 -0.20 -12.77
CA LYS A 130 -19.99 0.66 -13.88
C LYS A 130 -21.19 0.86 -14.81
N LYS A 131 -22.02 1.84 -14.46
CA LYS A 131 -23.25 2.05 -15.22
C LYS A 131 -22.99 2.49 -16.66
N ASP A 132 -21.87 3.17 -16.92
CA ASP A 132 -21.56 3.66 -18.27
C ASP A 132 -20.70 2.68 -19.05
N TRP A 133 -20.80 1.39 -18.76
CA TRP A 133 -19.96 0.42 -19.45
C TRP A 133 -20.34 0.31 -20.92
N LEU A 134 -21.62 0.50 -21.26
CA LEU A 134 -22.04 0.39 -22.65
C LEU A 134 -21.37 1.45 -23.52
N GLN A 135 -21.29 2.68 -23.03
CA GLN A 135 -20.67 3.76 -23.77
C GLN A 135 -19.17 3.87 -23.55
N ALA A 136 -18.60 3.08 -22.63
CA ALA A 136 -17.20 3.18 -22.29
C ALA A 136 -16.37 2.22 -23.15
N ASP A 137 -15.10 2.57 -23.33
CA ASP A 137 -14.19 1.71 -24.06
C ASP A 137 -14.07 0.37 -23.35
N MET A 138 -14.06 -0.71 -24.14
CA MET A 138 -14.09 -2.04 -23.55
C MET A 138 -12.77 -2.44 -22.90
N ARG A 139 -11.68 -1.72 -23.18
CA ARG A 139 -10.45 -1.96 -22.43
C ARG A 139 -10.65 -1.63 -20.96
N ASP A 140 -11.36 -0.54 -20.67
CA ASP A 140 -11.63 -0.19 -19.28
C ASP A 140 -12.55 -1.21 -18.62
N VAL A 141 -13.49 -1.77 -19.37
CA VAL A 141 -14.34 -2.83 -18.81
C VAL A 141 -13.51 -4.08 -18.51
N ASP A 142 -12.60 -4.42 -19.42
CA ASP A 142 -11.68 -5.53 -19.15
C ASP A 142 -10.90 -5.27 -17.87
N MET A 143 -10.45 -4.03 -17.68
CA MET A 143 -9.71 -3.68 -16.48
C MET A 143 -10.58 -3.82 -15.24
N TYR A 144 -11.85 -3.43 -15.34
CA TYR A 144 -12.80 -3.59 -14.23
C TYR A 144 -12.93 -5.05 -13.82
N ILE A 145 -13.16 -5.93 -14.80
CA ILE A 145 -13.34 -7.35 -14.47
C ILE A 145 -12.04 -7.94 -13.95
N ASN A 146 -10.91 -7.55 -14.53
CA ASN A 146 -9.63 -8.02 -14.02
C ASN A 146 -9.41 -7.55 -12.59
N LEU A 147 -9.95 -6.39 -12.23
CA LEU A 147 -9.90 -5.95 -10.84
C LEU A 147 -10.72 -6.87 -9.96
N PHE A 148 -11.90 -7.28 -10.41
CA PHE A 148 -12.65 -8.29 -9.66
C PHE A 148 -11.78 -9.52 -9.40
N HIS A 149 -11.12 -10.01 -10.44
CA HIS A 149 -10.37 -11.25 -10.30
C HIS A 149 -9.11 -11.06 -9.45
N ASP A 150 -8.50 -9.89 -9.51
CA ASP A 150 -7.39 -9.58 -8.61
C ASP A 150 -7.85 -9.60 -7.16
N ALA A 151 -9.04 -9.04 -6.90
CA ALA A 151 -9.59 -9.14 -5.56
C ALA A 151 -9.76 -10.59 -5.14
N PHE A 152 -10.31 -11.41 -6.03
CA PHE A 152 -10.47 -12.83 -5.68
C PHE A 152 -9.13 -13.54 -5.52
N ASP A 153 -8.05 -12.98 -6.07
CA ASP A 153 -6.73 -13.60 -5.89
C ASP A 153 -6.17 -13.33 -4.50
N ILE A 154 -6.42 -12.13 -3.95
CA ILE A 154 -5.84 -11.74 -2.66
C ILE A 154 -6.77 -12.19 -1.55
N GLN A 155 -7.73 -13.05 -1.88
CA GLN A 155 -8.70 -13.54 -0.89
C GLN A 155 -9.51 -12.39 -0.30
N TYR A 156 -9.84 -11.41 -1.14
CA TYR A 156 -10.77 -10.37 -0.77
C TYR A 156 -12.20 -10.84 -1.00
N GLY A 157 -13.14 -10.14 -0.38
CA GLY A 157 -14.54 -10.35 -0.66
C GLY A 157 -15.08 -9.22 -1.51
N VAL A 158 -15.66 -9.52 -2.65
CA VAL A 158 -16.06 -8.48 -3.59
C VAL A 158 -17.51 -8.12 -3.34
N VAL A 159 -17.77 -6.83 -3.18
CA VAL A 159 -19.12 -6.28 -3.08
C VAL A 159 -19.30 -5.29 -4.22
N VAL A 160 -20.41 -5.40 -4.92
CA VAL A 160 -20.74 -4.52 -6.04
C VAL A 160 -22.08 -3.88 -5.74
N ILE A 161 -22.07 -2.56 -5.57
CA ILE A 161 -23.28 -1.82 -5.23
C ILE A 161 -23.81 -1.18 -6.50
N ARG A 162 -25.00 -1.59 -6.93
CA ARG A 162 -25.67 -0.94 -8.05
C ARG A 162 -26.83 -0.13 -7.48
N LEU A 163 -26.73 1.19 -7.56
CA LEU A 163 -27.63 2.07 -6.85
C LEU A 163 -28.01 3.23 -7.75
N LYS A 164 -29.28 3.61 -7.74
CA LYS A 164 -29.76 4.71 -8.57
C LYS A 164 -29.38 6.03 -7.93
N GLU A 165 -28.54 6.80 -8.62
CA GLU A 165 -28.02 8.05 -8.06
C GLU A 165 -28.97 9.22 -8.24
N GLY A 166 -30.08 9.04 -8.95
CA GLY A 166 -31.04 10.11 -9.14
C GLY A 166 -31.97 10.29 -7.96
N LEU A 167 -31.39 10.42 -6.76
CA LEU A 167 -32.17 10.63 -5.55
C LEU A 167 -31.61 11.78 -4.73
N LYS A 204 -38.94 0.98 3.04
CA LYS A 204 -39.34 1.10 4.44
C LYS A 204 -40.11 -0.14 4.88
N ASN A 205 -39.98 -1.22 4.11
CA ASN A 205 -40.72 -2.45 4.37
C ASN A 205 -39.82 -3.62 4.75
N THR A 206 -38.87 -3.99 3.91
CA THR A 206 -38.07 -5.18 4.13
C THR A 206 -36.72 -5.05 3.44
N ILE A 207 -35.81 -5.93 3.83
CA ILE A 207 -34.46 -5.99 3.27
C ILE A 207 -34.27 -7.41 2.76
N ASP A 208 -34.60 -7.63 1.48
CA ASP A 208 -34.54 -8.97 0.92
C ASP A 208 -33.10 -9.45 0.85
N VAL A 209 -32.91 -10.74 1.08
CA VAL A 209 -31.62 -11.39 0.95
C VAL A 209 -31.79 -12.59 0.04
N TRP A 210 -30.91 -12.74 -0.94
CA TRP A 210 -31.05 -13.79 -1.93
C TRP A 210 -29.87 -14.75 -1.87
N TRP A 211 -29.54 -15.18 -0.65
CA TRP A 211 -28.51 -16.20 -0.45
C TRP A 211 -28.74 -17.35 -1.42
N LEU A 212 -27.79 -17.59 -2.32
CA LEU A 212 -27.88 -18.69 -3.27
C LEU A 212 -26.82 -19.76 -3.03
N PHE A 213 -25.54 -19.37 -2.92
CA PHE A 213 -24.48 -20.31 -2.61
C PHE A 213 -23.60 -19.79 -1.49
N ASP A 214 -22.76 -20.69 -0.97
CA ASP A 214 -22.26 -20.57 0.39
C ASP A 214 -21.46 -19.29 0.60
N ASP A 215 -20.44 -19.05 -0.22
CA ASP A 215 -19.53 -17.95 0.04
C ASP A 215 -18.97 -18.06 1.45
N GLY A 216 -19.57 -17.35 2.38
CA GLY A 216 -19.21 -17.38 3.78
C GLY A 216 -20.38 -16.85 4.57
N GLY A 217 -20.12 -16.02 5.56
CA GLY A 217 -21.20 -15.30 6.21
C GLY A 217 -21.42 -13.91 5.68
N LEU A 218 -20.55 -13.44 4.78
CA LEU A 218 -20.58 -12.04 4.39
C LEU A 218 -21.91 -11.67 3.74
N THR A 219 -22.40 -12.49 2.82
CA THR A 219 -23.65 -12.18 2.16
C THR A 219 -24.79 -12.08 3.16
N LEU A 220 -24.77 -12.90 4.21
CA LEU A 220 -25.74 -12.80 5.28
C LEU A 220 -25.32 -11.84 6.38
N LEU A 221 -24.05 -11.42 6.40
CA LEU A 221 -23.59 -10.51 7.43
C LEU A 221 -23.87 -9.06 7.07
N ILE A 222 -23.90 -8.73 5.78
CA ILE A 222 -24.22 -7.36 5.39
C ILE A 222 -25.61 -6.95 5.85
N PRO A 223 -26.67 -7.73 5.65
CA PRO A 223 -27.97 -7.33 6.18
C PRO A 223 -28.00 -7.20 7.69
N TYR A 224 -27.32 -8.09 8.42
CA TYR A 224 -27.29 -7.99 9.87
C TYR A 224 -26.68 -6.67 10.31
N LEU A 225 -25.56 -6.29 9.69
CA LEU A 225 -24.93 -5.03 10.04
C LEU A 225 -25.76 -3.84 9.60
N LEU A 226 -26.50 -3.98 8.50
CA LEU A 226 -27.38 -2.89 8.07
C LEU A 226 -28.50 -2.66 9.06
N THR A 227 -29.08 -3.74 9.60
CA THR A 227 -30.27 -3.61 10.42
C THR A 227 -30.00 -2.88 11.73
N THR A 228 -28.78 -2.89 12.22
CA THR A 228 -28.46 -2.37 13.54
C THR A 228 -28.00 -0.91 13.52
N LYS A 229 -28.27 -0.17 12.45
CA LYS A 229 -27.77 1.18 12.32
C LYS A 229 -28.81 2.25 12.67
N LYS A 230 -30.00 1.85 13.11
CA LYS A 230 -31.03 2.78 13.54
C LYS A 230 -31.68 3.52 12.37
N LYS A 231 -31.13 3.35 11.16
CA LYS A 231 -31.73 3.87 9.94
C LYS A 231 -32.50 2.79 9.20
N TRP A 232 -32.01 1.56 9.25
CA TRP A 232 -32.72 0.40 8.73
C TRP A 232 -33.31 -0.45 9.84
N LYS A 233 -33.41 0.11 11.05
CA LYS A 233 -33.95 -0.67 12.17
C LYS A 233 -35.38 -1.11 11.89
N ASP A 234 -36.18 -0.21 11.31
CA ASP A 234 -37.55 -0.56 10.94
C ASP A 234 -37.57 -1.20 9.56
N CYS A 235 -36.74 -2.22 9.36
CA CYS A 235 -36.70 -2.99 8.13
C CYS A 235 -36.50 -4.45 8.49
N LYS A 236 -37.24 -5.32 7.82
CA LYS A 236 -37.35 -6.71 8.20
C LYS A 236 -36.72 -7.59 7.12
N ILE A 237 -35.87 -8.51 7.56
CA ILE A 237 -35.10 -9.35 6.65
C ILE A 237 -35.99 -10.45 6.11
N ARG A 238 -36.13 -10.51 4.78
CA ARG A 238 -36.97 -11.48 4.10
C ARG A 238 -36.06 -12.32 3.20
N VAL A 239 -35.47 -13.36 3.78
CA VAL A 239 -34.47 -14.14 3.08
C VAL A 239 -35.13 -15.00 1.99
N PHE A 240 -34.35 -15.29 0.95
CA PHE A 240 -34.76 -16.19 -0.13
C PHE A 240 -33.64 -17.17 -0.41
N ILE A 241 -34.00 -18.37 -0.84
CA ILE A 241 -33.03 -19.37 -1.26
C ILE A 241 -33.67 -20.27 -2.31
N GLY A 242 -32.82 -20.95 -3.07
CA GLY A 242 -33.29 -21.94 -4.03
C GLY A 242 -33.19 -23.34 -3.48
N GLY A 243 -34.14 -24.19 -3.88
CA GLY A 243 -34.17 -25.55 -3.39
C GLY A 243 -35.12 -26.40 -4.21
N LYS A 244 -35.10 -27.69 -3.90
CA LYS A 244 -35.93 -28.65 -4.62
C LYS A 244 -37.40 -28.47 -4.26
N ILE A 245 -38.27 -28.90 -5.19
CA ILE A 245 -39.71 -28.78 -4.96
C ILE A 245 -40.22 -29.82 -3.98
N ASN A 246 -39.41 -30.84 -3.68
CA ASN A 246 -39.79 -31.87 -2.72
C ASN A 246 -39.08 -31.69 -1.38
N ARG A 247 -38.39 -30.57 -1.18
CA ARG A 247 -37.57 -30.37 0.02
C ARG A 247 -37.76 -28.99 0.62
N ILE A 248 -38.93 -28.37 0.44
CA ILE A 248 -39.15 -27.04 0.99
C ILE A 248 -39.07 -27.05 2.50
N ASP A 249 -39.70 -28.05 3.14
CA ASP A 249 -39.72 -28.08 4.60
C ASP A 249 -38.32 -28.25 5.17
N HIS A 250 -37.58 -29.25 4.68
CA HIS A 250 -36.25 -29.51 5.23
C HIS A 250 -35.29 -28.36 4.96
N ASP A 251 -35.32 -27.82 3.74
CA ASP A 251 -34.47 -26.68 3.43
C ASP A 251 -34.82 -25.49 4.30
N ARG A 252 -36.11 -25.23 4.49
CA ARG A 252 -36.52 -24.12 5.33
C ARG A 252 -36.03 -24.30 6.75
N ARG A 253 -36.14 -25.53 7.29
CA ARG A 253 -35.69 -25.77 8.64
C ARG A 253 -34.19 -25.57 8.77
N ALA A 254 -33.42 -26.11 7.83
CA ALA A 254 -31.96 -25.97 7.90
C ALA A 254 -31.54 -24.51 7.78
N MET A 255 -32.16 -23.78 6.85
CA MET A 255 -31.80 -22.38 6.67
C MET A 255 -32.25 -21.54 7.85
N ALA A 256 -33.36 -21.90 8.50
CA ALA A 256 -33.77 -21.21 9.71
C ALA A 256 -32.77 -21.45 10.84
N THR A 257 -32.25 -22.69 10.96
CA THR A 257 -31.21 -22.95 11.94
C THR A 257 -29.97 -22.10 11.66
N LEU A 258 -29.57 -22.04 10.39
CA LEU A 258 -28.40 -21.23 10.03
C LEU A 258 -28.64 -19.76 10.34
N LEU A 259 -29.83 -19.25 10.05
CA LEU A 259 -30.15 -17.86 10.32
C LEU A 259 -30.16 -17.57 11.81
N SER A 260 -30.69 -18.50 12.60
CA SER A 260 -30.63 -18.34 14.05
C SER A 260 -29.18 -18.30 14.53
N LYS A 261 -28.33 -19.13 13.93
CA LYS A 261 -26.90 -19.02 14.21
C LYS A 261 -26.38 -17.63 13.89
N PHE A 262 -26.81 -17.08 12.76
CA PHE A 262 -26.49 -15.70 12.40
C PHE A 262 -27.35 -14.69 13.15
N ARG A 263 -28.42 -15.14 13.79
CA ARG A 263 -29.25 -14.33 14.68
C ARG A 263 -29.55 -12.96 14.04
N ILE A 264 -30.27 -13.01 12.92
CA ILE A 264 -30.68 -11.81 12.21
C ILE A 264 -32.20 -11.70 12.14
N ASP A 265 -32.91 -12.41 13.01
CA ASP A 265 -34.37 -12.33 13.11
C ASP A 265 -35.04 -12.45 11.75
N PHE A 266 -34.65 -13.50 11.03
CA PHE A 266 -35.23 -13.74 9.72
C PHE A 266 -36.75 -13.84 9.83
N SER A 267 -37.44 -13.05 9.02
CA SER A 267 -38.90 -13.06 9.06
C SER A 267 -39.46 -14.34 8.43
N ASP A 268 -38.90 -14.74 7.30
CA ASP A 268 -39.42 -15.91 6.58
C ASP A 268 -38.46 -16.32 5.46
N ILE A 269 -38.46 -17.60 5.13
CA ILE A 269 -37.54 -18.16 4.16
C ILE A 269 -38.39 -18.69 3.01
N MET A 270 -38.42 -17.96 1.91
CA MET A 270 -39.26 -18.32 0.76
C MET A 270 -38.43 -19.19 -0.19
N VAL A 271 -38.30 -20.47 0.19
CA VAL A 271 -37.54 -21.40 -0.65
C VAL A 271 -38.25 -21.53 -1.99
N LEU A 272 -37.48 -21.42 -3.07
CA LEU A 272 -38.03 -21.44 -4.42
C LEU A 272 -37.37 -22.54 -5.23
N GLY A 273 -38.09 -23.00 -6.25
CA GLY A 273 -37.54 -23.94 -7.21
C GLY A 273 -37.66 -23.42 -8.62
N ASP A 274 -38.05 -22.16 -8.76
CA ASP A 274 -38.22 -21.55 -10.08
C ASP A 274 -36.90 -21.33 -10.79
N ILE A 275 -35.76 -21.48 -10.10
CA ILE A 275 -34.48 -21.30 -10.78
C ILE A 275 -34.29 -22.41 -11.81
N ASN A 276 -33.46 -22.11 -12.80
CA ASN A 276 -33.17 -23.04 -13.89
C ASN A 276 -34.41 -23.30 -14.74
N THR A 277 -35.03 -22.22 -15.20
CA THR A 277 -36.16 -22.28 -16.12
C THR A 277 -35.99 -21.22 -17.19
N LYS A 278 -36.47 -21.52 -18.39
CA LYS A 278 -36.38 -20.55 -19.47
C LYS A 278 -37.13 -19.29 -19.04
N PRO A 279 -36.48 -18.12 -19.01
CA PRO A 279 -37.16 -16.94 -18.47
C PRO A 279 -38.41 -16.56 -19.25
N LYS A 280 -38.23 -16.22 -20.52
CA LYS A 280 -39.27 -15.67 -21.38
C LYS A 280 -38.65 -15.46 -22.76
N LYS A 281 -39.48 -15.01 -23.70
CA LYS A 281 -38.97 -14.60 -25.00
C LYS A 281 -38.44 -13.17 -24.95
N GLU A 282 -39.19 -12.26 -24.34
CA GLU A 282 -38.81 -10.85 -24.34
C GLU A 282 -37.51 -10.64 -23.55
N ASN A 283 -37.35 -11.34 -22.43
CA ASN A 283 -36.14 -11.16 -21.64
C ASN A 283 -34.90 -11.60 -22.41
N ILE A 284 -34.99 -12.76 -23.06
CA ILE A 284 -33.85 -13.24 -23.85
C ILE A 284 -33.58 -12.29 -25.00
N ILE A 285 -34.63 -11.76 -25.61
CA ILE A 285 -34.45 -10.79 -26.68
C ILE A 285 -33.72 -9.55 -26.16
N ALA A 286 -34.09 -9.09 -24.97
CA ALA A 286 -33.45 -7.93 -24.39
C ALA A 286 -31.97 -8.20 -24.13
N PHE A 287 -31.64 -9.36 -23.59
CA PHE A 287 -30.24 -9.69 -23.36
C PHE A 287 -29.47 -9.76 -24.67
N GLU A 288 -30.07 -10.36 -25.70
CA GLU A 288 -29.41 -10.45 -26.99
C GLU A 288 -29.16 -9.05 -27.55
N GLU A 289 -30.13 -8.16 -27.41
CA GLU A 289 -29.93 -6.78 -27.85
C GLU A 289 -28.81 -6.12 -27.07
N ILE A 290 -28.73 -6.38 -25.77
CA ILE A 290 -27.68 -5.78 -24.94
C ILE A 290 -26.31 -6.21 -25.45
N ILE A 291 -26.14 -7.51 -25.71
CA ILE A 291 -24.82 -8.01 -26.08
C ILE A 291 -24.55 -7.95 -27.58
N GLU A 292 -25.52 -7.53 -28.39
CA GLU A 292 -25.31 -7.52 -29.83
C GLU A 292 -24.10 -6.71 -30.28
N PRO A 293 -23.85 -5.50 -29.77
CA PRO A 293 -22.70 -4.73 -30.28
C PRO A 293 -21.36 -5.42 -30.09
N TYR A 294 -21.24 -6.30 -29.09
CA TYR A 294 -19.98 -6.96 -28.80
C TYR A 294 -19.92 -8.42 -29.25
N ARG A 295 -21.01 -8.97 -29.77
CA ARG A 295 -20.99 -10.36 -30.20
C ARG A 295 -20.13 -10.51 -31.45
N LEU A 296 -19.50 -11.67 -31.56
CA LEU A 296 -18.72 -12.04 -32.73
C LEU A 296 -19.43 -13.20 -33.42
N HIS A 297 -19.80 -13.01 -34.67
CA HIS A 297 -20.52 -14.03 -35.44
C HIS A 297 -19.52 -14.77 -36.31
N GLU A 298 -18.79 -15.68 -35.67
CA GLU A 298 -17.78 -16.45 -36.41
C GLU A 298 -18.43 -17.25 -37.52
N ASP A 299 -19.55 -17.92 -37.22
CA ASP A 299 -20.21 -18.74 -38.24
C ASP A 299 -20.70 -17.87 -39.40
N ASP A 300 -21.28 -16.71 -39.10
CA ASP A 300 -21.76 -15.85 -40.17
C ASP A 300 -20.60 -15.28 -40.99
N LYS A 301 -19.52 -14.89 -40.33
CA LYS A 301 -18.40 -14.25 -41.00
C LYS A 301 -17.35 -15.28 -41.40
N GLU A 302 -16.43 -14.85 -42.25
CA GLU A 302 -15.36 -15.73 -42.70
C GLU A 302 -14.42 -16.05 -41.57
N GLN A 303 -13.88 -17.25 -41.57
CA GLN A 303 -13.03 -17.68 -40.46
C GLN A 303 -11.82 -16.75 -40.32
N ASP A 304 -11.19 -16.39 -41.43
CA ASP A 304 -10.02 -15.52 -41.36
C ASP A 304 -10.37 -14.17 -40.74
N ILE A 305 -11.50 -13.59 -41.14
CA ILE A 305 -11.92 -12.30 -40.58
C ILE A 305 -12.22 -12.45 -39.10
N ALA A 306 -12.85 -13.55 -38.71
CA ALA A 306 -13.15 -13.77 -37.31
C ALA A 306 -11.87 -13.85 -36.49
N ASP A 307 -10.87 -14.59 -36.99
CA ASP A 307 -9.60 -14.66 -36.27
C ASP A 307 -8.93 -13.30 -36.21
N LYS A 308 -8.99 -12.54 -37.30
CA LYS A 308 -8.38 -11.21 -37.31
C LYS A 308 -9.00 -10.33 -36.24
N MET A 309 -10.33 -10.31 -36.16
CA MET A 309 -10.99 -9.50 -35.14
C MET A 309 -10.64 -10.00 -33.74
N LYS A 310 -10.64 -11.31 -33.53
CA LYS A 310 -10.31 -11.84 -32.20
C LYS A 310 -8.92 -11.42 -31.78
N GLU A 311 -7.95 -11.49 -32.69
CA GLU A 311 -6.59 -11.11 -32.35
C GLU A 311 -6.49 -9.61 -32.09
N ASP A 312 -7.11 -8.80 -32.94
CA ASP A 312 -7.04 -7.35 -32.78
C ASP A 312 -8.11 -6.80 -31.84
N GLU A 313 -8.96 -7.66 -31.30
CA GLU A 313 -10.07 -7.20 -30.48
C GLU A 313 -10.58 -8.38 -29.66
N PRO A 314 -9.84 -8.80 -28.62
CA PRO A 314 -10.10 -10.09 -27.99
C PRO A 314 -11.29 -10.10 -27.05
N TRP A 315 -11.91 -8.96 -26.78
CA TRP A 315 -13.07 -8.91 -25.89
C TRP A 315 -14.37 -9.24 -26.59
N ARG A 316 -14.34 -9.50 -27.89
CA ARG A 316 -15.54 -9.87 -28.62
C ARG A 316 -16.08 -11.20 -28.10
N ILE A 317 -17.40 -11.27 -27.97
CA ILE A 317 -18.06 -12.45 -27.41
C ILE A 317 -18.22 -13.47 -28.53
N THR A 318 -17.52 -14.60 -28.41
CA THR A 318 -17.65 -15.66 -29.39
C THR A 318 -18.97 -16.41 -29.19
N ASP A 319 -19.44 -17.04 -30.27
CA ASP A 319 -20.67 -17.82 -30.17
C ASP A 319 -20.45 -19.08 -29.34
N ASN A 320 -19.22 -19.61 -29.32
CA ASN A 320 -18.92 -20.75 -28.46
C ASN A 320 -19.18 -20.40 -27.00
N GLU A 321 -18.82 -19.18 -26.59
CA GLU A 321 -19.07 -18.76 -25.22
C GLU A 321 -20.56 -18.79 -24.91
N LEU A 322 -21.38 -18.27 -25.83
CA LEU A 322 -22.82 -18.28 -25.61
C LEU A 322 -23.35 -19.70 -25.51
N GLU A 323 -22.90 -20.59 -26.40
CA GLU A 323 -23.38 -21.96 -26.34
C GLU A 323 -22.99 -22.64 -25.04
N LEU A 324 -21.73 -22.48 -24.61
CA LEU A 324 -21.29 -23.09 -23.37
C LEU A 324 -22.03 -22.51 -22.18
N TYR A 325 -22.19 -21.20 -22.14
CA TYR A 325 -22.72 -20.49 -20.98
C TYR A 325 -24.19 -20.13 -21.14
N LYS A 326 -24.92 -20.81 -22.03
CA LYS A 326 -26.31 -20.46 -22.24
C LYS A 326 -27.12 -20.70 -20.98
N THR A 327 -26.84 -21.79 -20.26
CA THR A 327 -27.57 -22.06 -19.03
C THR A 327 -27.25 -21.04 -17.95
N LYS A 328 -26.00 -20.58 -17.86
CA LYS A 328 -25.67 -19.55 -16.88
C LYS A 328 -26.40 -18.25 -17.19
N THR A 329 -26.47 -17.87 -18.47
CA THR A 329 -27.21 -16.67 -18.84
C THR A 329 -28.69 -16.83 -18.55
N TYR A 330 -29.25 -18.01 -18.80
CA TYR A 330 -30.63 -18.25 -18.42
C TYR A 330 -30.81 -18.10 -16.92
N ARG A 331 -29.84 -18.59 -16.14
CA ARG A 331 -29.92 -18.43 -14.69
C ARG A 331 -29.95 -16.96 -14.31
N GLN A 332 -29.08 -16.16 -14.93
CA GLN A 332 -29.06 -14.72 -14.63
C GLN A 332 -30.40 -14.08 -14.97
N ILE A 333 -30.93 -14.38 -16.15
CA ILE A 333 -32.18 -13.73 -16.59
C ILE A 333 -33.33 -14.14 -15.68
N ARG A 334 -33.40 -15.43 -15.34
CA ARG A 334 -34.45 -15.91 -14.46
C ARG A 334 -34.34 -15.28 -13.08
N LEU A 335 -33.12 -15.16 -12.56
CA LEU A 335 -32.94 -14.53 -11.27
C LEU A 335 -33.40 -13.08 -11.32
N ASN A 336 -33.08 -12.38 -12.41
CA ASN A 336 -33.55 -10.99 -12.54
C ASN A 336 -35.06 -10.91 -12.52
N GLU A 337 -35.73 -11.73 -13.32
CA GLU A 337 -37.19 -11.63 -13.37
C GLU A 337 -37.80 -12.04 -12.04
N LEU A 338 -37.19 -12.98 -11.33
CA LEU A 338 -37.65 -13.32 -9.99
C LEU A 338 -37.46 -12.14 -9.03
N LEU A 339 -36.32 -11.45 -9.12
CA LEU A 339 -36.11 -10.28 -8.28
C LEU A 339 -37.18 -9.24 -8.53
N LYS A 340 -37.53 -9.03 -9.79
CA LYS A 340 -38.58 -8.07 -10.10
C LYS A 340 -39.93 -8.54 -9.57
N GLU A 341 -40.21 -9.84 -9.67
CA GLU A 341 -41.54 -10.32 -9.28
C GLU A 341 -41.72 -10.31 -7.77
N HIS A 342 -40.74 -10.82 -7.02
CA HIS A 342 -40.88 -11.02 -5.58
C HIS A 342 -40.31 -9.86 -4.77
N SER A 343 -39.16 -9.34 -5.18
CA SER A 343 -38.42 -8.34 -4.42
C SER A 343 -38.49 -6.95 -5.05
N SER A 344 -39.57 -6.63 -5.74
CA SER A 344 -39.72 -5.29 -6.29
C SER A 344 -39.82 -4.25 -5.18
N THR A 345 -40.63 -4.53 -4.16
CA THR A 345 -40.87 -3.58 -3.09
C THR A 345 -39.96 -3.91 -1.90
N ALA A 346 -38.66 -3.76 -2.14
CA ALA A 346 -37.66 -3.98 -1.12
C ALA A 346 -36.69 -2.82 -1.11
N ASN A 347 -36.14 -2.51 0.07
CA ASN A 347 -35.26 -1.37 0.21
C ASN A 347 -33.86 -1.69 -0.28
N ILE A 348 -33.27 -2.78 0.20
CA ILE A 348 -31.92 -3.18 -0.14
C ILE A 348 -31.95 -4.66 -0.47
N ILE A 349 -31.79 -4.99 -1.74
CA ILE A 349 -31.65 -6.39 -2.15
C ILE A 349 -30.19 -6.80 -2.00
N VAL A 350 -29.95 -7.93 -1.37
CA VAL A 350 -28.61 -8.48 -1.22
C VAL A 350 -28.58 -9.83 -1.91
N MET A 351 -27.79 -9.93 -2.97
CA MET A 351 -27.74 -11.14 -3.78
C MET A 351 -26.30 -11.60 -3.89
N SER A 352 -26.10 -12.88 -4.19
CA SER A 352 -24.77 -13.43 -4.38
C SER A 352 -24.26 -13.14 -5.78
N LEU A 353 -22.99 -12.73 -5.85
CA LEU A 353 -22.42 -12.25 -7.11
C LEU A 353 -22.03 -13.43 -8.01
N PRO A 354 -22.49 -13.47 -9.26
CA PRO A 354 -21.98 -14.48 -10.18
C PRO A 354 -20.49 -14.30 -10.44
N VAL A 355 -19.78 -15.41 -10.59
CA VAL A 355 -18.35 -15.38 -10.91
C VAL A 355 -18.05 -16.44 -11.97
N ALA A 356 -16.91 -16.26 -12.62
CA ALA A 356 -16.45 -17.20 -13.63
C ALA A 356 -14.93 -17.30 -13.54
N ARG A 357 -14.42 -18.45 -13.99
CA ARG A 357 -12.98 -18.66 -13.93
C ARG A 357 -12.26 -17.60 -14.75
N LYS A 358 -11.09 -17.19 -14.27
CA LYS A 358 -10.34 -16.13 -14.92
C LYS A 358 -10.08 -16.49 -16.37
N GLY A 359 -10.59 -15.67 -17.28
CA GLY A 359 -10.39 -15.87 -18.71
C GLY A 359 -11.34 -16.86 -19.35
N ALA A 360 -12.13 -17.59 -18.56
CA ALA A 360 -13.07 -18.55 -19.13
C ALA A 360 -14.23 -17.87 -19.83
N VAL A 361 -14.47 -16.58 -19.55
CA VAL A 361 -15.57 -15.84 -20.14
C VAL A 361 -15.08 -14.45 -20.50
N SER A 362 -15.56 -13.95 -21.65
CA SER A 362 -15.17 -12.61 -22.07
C SER A 362 -15.70 -11.57 -21.09
N SER A 363 -14.94 -10.49 -20.92
CA SER A 363 -15.34 -9.44 -20.00
C SER A 363 -16.67 -8.82 -20.42
N ALA A 364 -16.88 -8.64 -21.71
CA ALA A 364 -18.13 -8.06 -22.18
C ALA A 364 -19.31 -8.94 -21.76
N LEU A 365 -19.19 -10.25 -21.91
CA LEU A 365 -20.27 -11.14 -21.49
C LEU A 365 -20.45 -11.12 -19.98
N TYR A 366 -19.36 -10.99 -19.22
CA TYR A 366 -19.48 -10.92 -17.77
C TYR A 366 -20.25 -9.68 -17.35
N MET A 367 -19.91 -8.53 -17.92
CA MET A 367 -20.68 -7.33 -17.60
C MET A 367 -22.09 -7.43 -18.12
N ALA A 368 -22.32 -8.16 -19.21
CA ALA A 368 -23.69 -8.38 -19.66
C ALA A 368 -24.48 -9.17 -18.61
N TRP A 369 -23.86 -10.18 -18.03
CA TRP A 369 -24.51 -10.92 -16.95
C TRP A 369 -24.81 -10.02 -15.77
N LEU A 370 -23.85 -9.18 -15.38
CA LEU A 370 -24.08 -8.28 -14.26
C LEU A 370 -25.17 -7.26 -14.57
N GLU A 371 -25.25 -6.78 -15.82
CA GLU A 371 -26.32 -5.90 -16.23
C GLU A 371 -27.67 -6.59 -16.13
N ALA A 372 -27.76 -7.82 -16.62
CA ALA A 372 -29.03 -8.54 -16.61
C ALA A 372 -29.49 -8.85 -15.19
N LEU A 373 -28.56 -9.26 -14.33
CA LEU A 373 -28.92 -9.66 -12.98
C LEU A 373 -29.54 -8.50 -12.22
N SER A 374 -28.95 -7.32 -12.33
CA SER A 374 -29.42 -6.11 -11.64
C SER A 374 -29.79 -5.07 -12.70
N LYS A 375 -31.02 -5.16 -13.20
CA LYS A 375 -31.43 -4.34 -14.34
C LYS A 375 -32.26 -3.13 -13.93
N ASP A 376 -33.39 -3.36 -13.25
CA ASP A 376 -34.31 -2.26 -12.91
C ASP A 376 -34.86 -2.46 -11.51
N LEU A 377 -34.00 -2.78 -10.56
CA LEU A 377 -34.40 -3.10 -9.20
C LEU A 377 -34.02 -1.97 -8.26
N PRO A 378 -34.46 -2.03 -7.00
CA PRO A 378 -34.02 -1.04 -6.02
C PRO A 378 -32.53 -1.14 -5.78
N PRO A 379 -31.97 -0.30 -4.90
CA PRO A 379 -30.54 -0.39 -4.62
C PRO A 379 -30.12 -1.82 -4.31
N ILE A 380 -29.35 -2.42 -5.20
CA ILE A 380 -29.01 -3.84 -5.11
C ILE A 380 -27.53 -3.97 -4.78
N LEU A 381 -27.19 -5.10 -4.17
CA LEU A 381 -25.89 -5.27 -3.55
C LEU A 381 -25.46 -6.71 -3.79
N LEU A 382 -24.57 -6.90 -4.76
CA LEU A 382 -24.06 -8.23 -5.09
C LEU A 382 -22.84 -8.50 -4.25
N VAL A 383 -22.76 -9.69 -3.67
CA VAL A 383 -21.74 -10.01 -2.68
C VAL A 383 -21.18 -11.39 -2.96
N ARG A 384 -19.85 -11.49 -2.92
CA ARG A 384 -19.18 -12.79 -2.86
C ARG A 384 -18.06 -12.65 -1.85
N GLY A 385 -18.27 -13.18 -0.66
CA GLY A 385 -17.26 -13.14 0.38
C GLY A 385 -16.23 -14.22 0.18
N ASN A 386 -15.22 -14.20 1.04
CA ASN A 386 -14.18 -15.20 0.99
C ASN A 386 -14.65 -16.48 1.67
N HIS A 387 -13.90 -17.56 1.45
CA HIS A 387 -14.35 -18.87 1.90
C HIS A 387 -14.44 -18.94 3.42
N GLN A 388 -13.46 -18.37 4.12
CA GLN A 388 -13.46 -18.46 5.58
C GLN A 388 -14.72 -17.85 6.17
N SER A 389 -15.34 -18.59 7.09
CA SER A 389 -16.58 -18.16 7.70
C SER A 389 -16.36 -16.91 8.55
N VAL A 390 -17.38 -16.04 8.58
CA VAL A 390 -17.25 -14.79 9.30
C VAL A 390 -17.10 -15.03 10.80
N LEU A 391 -17.92 -15.91 11.35
CA LEU A 391 -17.88 -16.19 12.79
C LEU A 391 -17.25 -17.56 13.05
N SER B 1 -7.83 -10.30 28.65
CA SER B 1 -9.13 -10.75 28.18
C SER B 1 -9.00 -11.46 26.83
N SER B 2 -9.97 -12.34 26.54
CA SER B 2 -9.98 -13.07 25.29
C SER B 2 -10.70 -12.33 24.17
N THR B 3 -11.28 -11.17 24.44
CA THR B 3 -11.96 -10.37 23.43
C THR B 3 -11.07 -9.24 22.97
N GLN B 4 -11.17 -8.89 21.69
CA GLN B 4 -10.37 -7.84 21.09
C GLN B 4 -11.18 -6.73 20.44
N ALA B 5 -12.48 -6.95 20.23
CA ALA B 5 -13.28 -5.94 19.54
C ALA B 5 -13.24 -4.60 20.28
N LEU B 6 -13.13 -4.63 21.60
CA LEU B 6 -13.04 -3.39 22.35
C LEU B 6 -11.78 -2.61 21.99
N THR B 7 -10.64 -3.30 21.88
CA THR B 7 -9.42 -2.63 21.43
C THR B 7 -9.56 -2.17 19.98
N TYR B 8 -10.14 -3.01 19.13
CA TYR B 8 -10.22 -2.69 17.71
C TYR B 8 -11.00 -1.41 17.47
N LEU B 9 -12.21 -1.32 18.03
CA LEU B 9 -13.06 -0.17 17.77
C LEU B 9 -12.49 1.09 18.40
N ASN B 10 -11.86 0.95 19.58
CA ASN B 10 -11.23 2.10 20.21
C ASN B 10 -10.08 2.62 19.36
N ALA B 11 -9.24 1.72 18.83
CA ALA B 11 -8.17 2.13 17.94
C ALA B 11 -8.72 2.80 16.70
N LEU B 12 -9.79 2.25 16.13
CA LEU B 12 -10.45 2.91 15.01
C LEU B 12 -10.79 4.35 15.36
N GLN B 13 -11.65 4.54 16.35
CA GLN B 13 -12.13 5.90 16.65
C GLN B 13 -10.96 6.83 16.91
N HIS B 14 -9.88 6.34 17.54
CA HIS B 14 -8.71 7.19 17.73
C HIS B 14 -8.07 7.57 16.40
N SER B 15 -7.97 6.61 15.47
CA SER B 15 -7.38 6.93 14.17
C SER B 15 -8.22 7.93 13.40
N ILE B 16 -9.55 7.78 13.43
CA ILE B 16 -10.41 8.77 12.79
C ILE B 16 -10.23 10.13 13.44
N ARG B 17 -10.16 10.16 14.78
CA ARG B 17 -9.89 11.43 15.47
C ARG B 17 -8.62 12.07 14.94
N LEU B 18 -7.55 11.28 14.82
CA LEU B 18 -6.29 11.81 14.33
C LEU B 18 -6.43 12.35 12.91
N SER B 19 -7.07 11.58 12.03
CA SER B 19 -7.18 12.01 10.64
C SER B 19 -8.05 13.25 10.51
N GLY B 20 -8.93 13.50 11.48
CA GLY B 20 -9.83 14.63 11.38
C GLY B 20 -9.15 15.97 11.61
N VAL B 21 -8.03 15.97 12.34
CA VAL B 21 -7.39 17.23 12.69
C VAL B 21 -6.75 17.84 11.45
N GLU B 22 -7.02 19.12 11.21
CA GLU B 22 -6.44 19.85 10.10
C GLU B 22 -5.03 20.26 10.51
N ASP B 23 -4.07 19.35 10.33
CA ASP B 23 -2.71 19.58 10.74
C ASP B 23 -1.96 20.52 9.81
N HIS B 24 -2.53 20.88 8.67
CA HIS B 24 -1.86 21.76 7.72
C HIS B 24 -0.52 21.15 7.31
N VAL B 25 0.58 21.82 7.67
CA VAL B 25 1.93 21.33 7.39
C VAL B 25 2.81 21.36 8.63
N LYS B 26 2.25 21.68 9.79
CA LYS B 26 3.03 21.87 11.03
C LYS B 26 3.02 20.61 11.89
N ASN B 27 3.02 19.44 11.27
CA ASN B 27 2.96 18.18 12.00
C ASN B 27 3.94 17.17 11.43
N PHE B 28 5.16 17.60 11.14
CA PHE B 28 6.17 16.66 10.72
C PHE B 28 6.63 15.81 11.90
N ARG B 29 6.77 14.51 11.67
CA ARG B 29 7.20 13.59 12.69
C ARG B 29 7.91 12.46 11.97
N PRO B 30 8.97 11.90 12.54
CA PRO B 30 9.69 10.84 11.81
C PRO B 30 8.89 9.56 11.75
N GLN B 31 8.31 9.29 10.58
CA GLN B 31 7.54 8.08 10.33
C GLN B 31 8.29 7.29 9.28
N CYS B 32 8.95 6.21 9.69
CA CYS B 32 9.85 5.47 8.83
C CYS B 32 9.37 4.04 8.66
N LEU B 33 9.59 3.49 7.48
CA LEU B 33 9.38 2.06 7.24
C LEU B 33 10.73 1.42 6.98
N VAL B 34 11.07 0.43 7.80
CA VAL B 34 12.39 -0.19 7.79
C VAL B 34 12.33 -1.34 6.79
N MET B 35 12.84 -1.11 5.58
CA MET B 35 12.80 -2.12 4.53
C MET B 35 13.92 -3.14 4.79
N THR B 36 13.62 -4.10 5.64
CA THR B 36 14.52 -5.22 5.92
C THR B 36 13.71 -6.50 5.88
N GLY B 37 14.18 -7.47 5.08
CA GLY B 37 13.36 -8.63 4.78
C GLY B 37 12.97 -9.42 6.01
N ALA B 38 13.96 -9.83 6.80
CA ALA B 38 13.73 -10.68 7.96
C ALA B 38 14.01 -9.90 9.23
N PRO B 39 12.99 -9.47 9.97
CA PRO B 39 13.24 -8.73 11.20
C PRO B 39 14.12 -9.51 12.18
N ASN B 40 14.07 -10.84 12.17
CA ASN B 40 14.98 -11.60 13.01
C ASN B 40 16.43 -11.32 12.65
N SER B 41 16.73 -11.28 11.36
CA SER B 41 18.06 -10.87 10.92
C SER B 41 18.22 -9.37 11.09
N ARG B 42 19.42 -8.95 11.49
CA ARG B 42 19.68 -7.54 11.75
C ARG B 42 18.82 -7.03 12.89
N PRO B 43 18.98 -7.53 14.11
CA PRO B 43 18.24 -6.95 15.24
C PRO B 43 18.77 -5.58 15.61
N ALA B 44 20.08 -5.37 15.46
CA ALA B 44 20.68 -4.10 15.84
C ALA B 44 20.13 -2.96 15.00
N LEU B 45 19.95 -3.18 13.70
CA LEU B 45 19.37 -2.16 12.85
C LEU B 45 17.98 -1.78 13.33
N LEU B 46 17.14 -2.77 13.65
CA LEU B 46 15.81 -2.48 14.13
C LEU B 46 15.85 -1.74 15.45
N HIS B 47 16.75 -2.13 16.36
CA HIS B 47 16.83 -1.44 17.63
C HIS B 47 17.23 0.01 17.45
N LEU B 48 18.21 0.27 16.60
CA LEU B 48 18.64 1.65 16.37
C LEU B 48 17.53 2.49 15.75
N VAL B 49 16.89 1.96 14.70
CA VAL B 49 15.80 2.72 14.09
C VAL B 49 14.62 2.85 15.05
N HIS B 50 14.53 1.97 16.04
CA HIS B 50 13.49 2.06 17.05
C HIS B 50 13.83 3.07 18.13
N ASP B 51 15.10 3.39 18.32
CA ASP B 51 15.48 4.34 19.36
C ASP B 51 14.91 5.72 19.09
N PHE B 52 14.97 6.18 17.84
CA PHE B 52 14.48 7.51 17.49
C PHE B 52 13.08 7.48 16.91
N THR B 53 12.38 6.35 16.99
CA THR B 53 11.00 6.23 16.56
C THR B 53 10.13 5.65 17.67
N LYS B 54 10.64 5.62 18.90
CA LYS B 54 9.92 4.95 19.98
C LYS B 54 8.60 5.66 20.29
N ASN B 55 8.63 6.98 20.39
CA ASN B 55 7.41 7.72 20.77
C ASN B 55 7.28 9.01 19.99
N VAL B 56 7.74 9.05 18.75
CA VAL B 56 7.62 10.24 17.91
C VAL B 56 7.05 9.88 16.55
N GLY B 57 6.96 8.58 16.27
CA GLY B 57 6.44 8.13 14.99
C GLY B 57 6.31 6.63 15.00
N LEU B 58 5.81 6.11 13.89
CA LEU B 58 5.59 4.67 13.74
C LEU B 58 6.75 4.04 12.98
N MET B 59 6.83 2.72 13.09
CA MET B 59 7.87 1.94 12.42
C MET B 59 7.20 0.80 11.69
N ILE B 60 7.10 0.92 10.37
CA ILE B 60 6.49 -0.13 9.56
C ILE B 60 7.60 -1.00 9.00
N CYS B 61 7.93 -2.09 9.70
CA CYS B 61 9.00 -2.99 9.28
C CYS B 61 8.53 -3.78 8.06
N GLY B 62 8.58 -3.13 6.90
CA GLY B 62 8.04 -3.73 5.70
C GLY B 62 8.83 -4.96 5.28
N HIS B 63 8.21 -5.74 4.38
CA HIS B 63 8.81 -6.99 3.92
C HIS B 63 8.13 -7.41 2.64
N VAL B 64 8.89 -7.54 1.56
CA VAL B 64 8.37 -8.00 0.28
C VAL B 64 8.65 -9.50 0.16
N HIS B 65 7.61 -10.27 -0.15
CA HIS B 65 7.68 -11.71 -0.21
C HIS B 65 7.62 -12.15 -1.66
N MET B 66 8.56 -13.01 -2.05
CA MET B 66 8.71 -13.44 -3.43
C MET B 66 8.43 -14.92 -3.53
N GLY B 67 7.56 -15.30 -4.47
CA GLY B 67 7.23 -16.69 -4.67
C GLY B 67 5.97 -16.85 -5.50
N PRO B 68 5.56 -18.10 -5.71
CA PRO B 68 4.34 -18.35 -6.48
C PRO B 68 3.11 -17.80 -5.80
N ARG B 69 2.16 -17.35 -6.62
CA ARG B 69 0.93 -16.78 -6.09
C ARG B 69 0.11 -17.82 -5.33
N ARG B 70 0.04 -19.03 -5.83
CA ARG B 70 -0.84 -20.01 -5.21
C ARG B 70 -0.75 -19.97 -3.71
N GLN B 71 0.39 -20.41 -3.19
CA GLN B 71 0.55 -20.50 -1.74
C GLN B 71 1.21 -19.25 -1.16
N ALA B 72 1.16 -18.13 -1.87
CA ALA B 72 1.75 -16.90 -1.35
C ALA B 72 1.03 -16.46 -0.08
N MET B 73 -0.30 -16.48 -0.08
CA MET B 73 -1.05 -15.93 1.04
C MET B 73 -0.85 -16.75 2.30
N LYS B 74 -0.83 -18.07 2.20
CA LYS B 74 -0.70 -18.90 3.39
C LYS B 74 0.63 -18.64 4.09
N GLU B 75 1.73 -18.74 3.35
CA GLU B 75 3.03 -18.51 3.96
C GLU B 75 3.21 -17.06 4.37
N MET B 76 2.57 -16.14 3.64
CA MET B 76 2.62 -14.74 4.03
C MET B 76 1.97 -14.53 5.40
N SER B 77 0.81 -15.15 5.62
CA SER B 77 0.15 -15.03 6.92
C SER B 77 0.97 -15.71 8.00
N ILE B 78 1.55 -16.87 7.70
CA ILE B 78 2.39 -17.55 8.68
C ILE B 78 3.55 -16.65 9.10
N ASP B 79 4.25 -16.06 8.12
CA ASP B 79 5.35 -15.16 8.42
C ASP B 79 4.86 -13.94 9.18
N GLN B 80 3.70 -13.41 8.82
CA GLN B 80 3.18 -12.23 9.50
C GLN B 80 2.95 -12.52 10.98
N ALA B 81 2.28 -13.63 11.28
CA ALA B 81 2.07 -13.98 12.68
C ALA B 81 3.39 -14.19 13.39
N LYS B 82 4.31 -14.93 12.77
CA LYS B 82 5.58 -15.23 13.42
C LYS B 82 6.36 -13.96 13.74
N TYR B 83 6.51 -13.07 12.77
CA TYR B 83 7.33 -11.89 12.97
C TYR B 83 6.65 -10.86 13.84
N GLN B 84 5.32 -10.75 13.80
CA GLN B 84 4.66 -9.86 14.75
C GLN B 84 4.84 -10.38 16.17
N ARG B 85 4.74 -11.70 16.37
CA ARG B 85 5.03 -12.25 17.69
C ARG B 85 6.44 -11.94 18.11
N TRP B 86 7.40 -12.06 17.18
CA TRP B 86 8.79 -11.76 17.53
C TRP B 86 8.96 -10.30 17.92
N LEU B 87 8.36 -9.39 17.16
CA LEU B 87 8.47 -7.97 17.48
C LEU B 87 7.87 -7.66 18.83
N ILE B 88 6.72 -8.25 19.14
CA ILE B 88 6.09 -8.00 20.44
C ILE B 88 6.93 -8.61 21.55
N LYS B 89 7.56 -9.76 21.30
CA LYS B 89 8.42 -10.37 22.31
C LYS B 89 9.48 -9.38 22.77
N ASN B 90 10.20 -8.78 21.84
CA ASN B 90 11.01 -7.63 22.16
C ASN B 90 10.12 -6.42 22.37
N LYS B 91 10.71 -5.34 22.88
CA LYS B 91 9.94 -4.14 23.21
C LYS B 91 10.02 -3.18 22.03
N MET B 92 9.42 -3.61 20.91
CA MET B 92 9.42 -2.84 19.68
C MET B 92 8.00 -2.45 19.32
N LYS B 93 7.81 -1.18 19.01
CA LYS B 93 6.51 -0.65 18.59
C LYS B 93 6.46 -0.56 17.06
N ALA B 94 6.53 -1.72 16.42
CA ALA B 94 6.66 -1.82 14.97
C ALA B 94 5.53 -2.66 14.41
N PHE B 95 4.96 -2.19 13.30
CA PHE B 95 3.97 -2.94 12.55
C PHE B 95 4.68 -3.70 11.44
N TYR B 96 4.62 -5.02 11.46
CA TYR B 96 5.17 -5.82 10.38
C TYR B 96 4.18 -5.80 9.23
N ALA B 97 4.54 -5.11 8.15
CA ALA B 97 3.65 -4.94 7.00
C ALA B 97 4.21 -5.68 5.80
N PRO B 98 3.77 -6.90 5.52
CA PRO B 98 4.26 -7.62 4.34
C PRO B 98 3.40 -7.38 3.11
N VAL B 99 4.05 -7.43 1.95
CA VAL B 99 3.36 -7.39 0.68
C VAL B 99 3.98 -8.43 -0.24
N HIS B 100 3.27 -8.77 -1.31
CA HIS B 100 3.74 -9.70 -2.31
C HIS B 100 4.05 -8.94 -3.59
N ALA B 101 5.23 -9.17 -4.16
CA ALA B 101 5.63 -8.48 -5.37
C ALA B 101 6.58 -9.36 -6.16
N ASP B 102 6.65 -9.09 -7.46
CA ASP B 102 7.56 -9.84 -8.32
C ASP B 102 9.01 -9.59 -7.95
N ASP B 103 9.36 -8.34 -7.67
CA ASP B 103 10.72 -7.96 -7.33
C ASP B 103 10.70 -6.98 -6.17
N LEU B 104 11.84 -6.85 -5.50
CA LEU B 104 11.93 -6.02 -4.32
C LEU B 104 11.50 -4.59 -4.62
N ARG B 105 11.85 -4.09 -5.80
CA ARG B 105 11.48 -2.72 -6.15
C ARG B 105 9.97 -2.55 -6.21
N GLU B 106 9.27 -3.52 -6.78
CA GLU B 106 7.81 -3.40 -6.92
C GLU B 106 7.13 -3.46 -5.56
N GLY B 107 7.55 -4.39 -4.71
CA GLY B 107 6.98 -4.45 -3.37
C GLY B 107 7.28 -3.20 -2.57
N ALA B 108 8.50 -2.67 -2.70
CA ALA B 108 8.81 -1.41 -2.05
C ALA B 108 7.91 -0.29 -2.56
N GLN B 109 7.62 -0.29 -3.87
CA GLN B 109 6.70 0.71 -4.39
C GLN B 109 5.33 0.57 -3.76
N TYR B 110 4.85 -0.67 -3.62
CA TYR B 110 3.58 -0.89 -2.92
C TYR B 110 3.60 -0.26 -1.54
N LEU B 111 4.63 -0.60 -0.75
CA LEU B 111 4.70 -0.09 0.62
C LEU B 111 4.75 1.44 0.65
N MET B 112 5.68 2.02 -0.11
CA MET B 112 5.87 3.46 -0.10
C MET B 112 4.68 4.23 -0.65
N GLN B 113 3.86 3.60 -1.48
CA GLN B 113 2.72 4.30 -2.06
C GLN B 113 1.46 4.19 -1.22
N ALA B 114 1.18 2.99 -0.68
CA ALA B 114 -0.12 2.74 -0.07
C ALA B 114 -0.07 2.30 1.39
N ALA B 115 1.11 2.14 1.99
CA ALA B 115 1.17 1.71 3.38
C ALA B 115 0.59 2.79 4.29
N GLY B 116 0.05 2.35 5.42
CA GLY B 116 -0.51 3.25 6.40
C GLY B 116 -1.92 3.68 6.07
N LEU B 117 -2.54 4.37 7.02
CA LEU B 117 -3.88 4.90 6.81
C LEU B 117 -4.00 6.24 7.53
N GLY B 118 -4.69 7.17 6.89
CA GLY B 118 -4.81 8.48 7.50
C GLY B 118 -3.48 9.20 7.50
N ARG B 119 -3.26 10.01 8.54
CA ARG B 119 -2.05 10.82 8.64
C ARG B 119 -0.91 10.12 9.38
N MET B 120 -1.07 8.85 9.76
CA MET B 120 0.05 8.07 10.26
C MET B 120 0.66 7.25 9.14
N LYS B 121 1.07 7.96 8.08
CA LYS B 121 1.64 7.38 6.89
C LYS B 121 3.16 7.47 6.93
N PRO B 122 3.88 6.49 6.36
CA PRO B 122 5.34 6.56 6.38
C PRO B 122 5.86 7.82 5.71
N ASN B 123 7.00 8.29 6.21
CA ASN B 123 7.61 9.54 5.76
C ASN B 123 9.06 9.40 5.36
N THR B 124 9.78 8.40 5.85
CA THR B 124 11.18 8.17 5.48
C THR B 124 11.36 6.68 5.25
N LEU B 125 12.42 6.34 4.52
CA LEU B 125 12.68 4.96 4.12
C LEU B 125 14.03 4.53 4.71
N VAL B 126 13.99 3.90 5.87
CA VAL B 126 15.21 3.38 6.47
C VAL B 126 15.64 2.13 5.72
N LEU B 127 16.90 2.11 5.27
CA LEU B 127 17.41 1.03 4.42
C LEU B 127 18.73 0.54 5.01
N GLY B 128 18.73 -0.69 5.51
CA GLY B 128 19.98 -1.28 5.94
C GLY B 128 20.97 -1.34 4.80
N PHE B 129 22.22 -0.98 5.09
CA PHE B 129 23.24 -1.02 4.07
C PHE B 129 23.35 -2.43 3.49
N LYS B 130 23.43 -2.51 2.16
CA LYS B 130 23.53 -3.80 1.48
C LYS B 130 24.97 -4.31 1.58
N LYS B 131 25.35 -4.71 2.79
CA LYS B 131 26.65 -5.30 3.01
C LYS B 131 26.82 -6.49 2.06
N ASP B 132 28.06 -6.85 1.78
CA ASP B 132 28.34 -7.96 0.87
C ASP B 132 27.63 -7.78 -0.46
N TRP B 133 27.60 -6.54 -0.94
CA TRP B 133 27.15 -6.29 -2.30
C TRP B 133 28.20 -6.70 -3.32
N LEU B 134 29.44 -6.92 -2.88
CA LEU B 134 30.48 -7.40 -3.79
C LEU B 134 30.10 -8.77 -4.36
N GLN B 135 29.57 -9.65 -3.51
CA GLN B 135 29.24 -11.01 -3.93
C GLN B 135 27.83 -11.12 -4.50
N ALA B 136 27.01 -10.09 -4.42
CA ALA B 136 25.64 -10.15 -4.88
C ALA B 136 25.53 -9.75 -6.34
N ASP B 137 24.57 -10.36 -7.04
CA ASP B 137 24.33 -10.05 -8.44
C ASP B 137 24.01 -8.57 -8.59
N MET B 138 24.57 -7.95 -9.62
CA MET B 138 24.48 -6.50 -9.74
C MET B 138 23.07 -6.04 -10.12
N ARG B 139 22.19 -6.95 -10.57
CA ARG B 139 20.79 -6.59 -10.66
C ARG B 139 20.24 -6.19 -9.30
N ASP B 140 20.69 -6.89 -8.24
CA ASP B 140 20.25 -6.55 -6.89
C ASP B 140 20.71 -5.16 -6.50
N VAL B 141 21.96 -4.81 -6.82
CA VAL B 141 22.45 -3.47 -6.48
C VAL B 141 21.73 -2.42 -7.31
N ASP B 142 21.39 -2.75 -8.56
CA ASP B 142 20.60 -1.83 -9.38
C ASP B 142 19.27 -1.54 -8.71
N MET B 143 18.57 -2.58 -8.25
CA MET B 143 17.31 -2.35 -7.54
C MET B 143 17.55 -1.56 -6.26
N TYR B 144 18.66 -1.84 -5.57
CA TYR B 144 18.93 -1.17 -4.32
C TYR B 144 19.07 0.33 -4.51
N ILE B 145 19.79 0.75 -5.56
CA ILE B 145 19.95 2.18 -5.83
C ILE B 145 18.65 2.77 -6.38
N ASN B 146 17.93 1.99 -7.19
CA ASN B 146 16.65 2.46 -7.68
C ASN B 146 15.69 2.72 -6.52
N LEU B 147 15.86 2.02 -5.40
CA LEU B 147 15.06 2.33 -4.23
C LEU B 147 15.33 3.74 -3.73
N PHE B 148 16.61 4.12 -3.64
CA PHE B 148 16.93 5.49 -3.25
C PHE B 148 16.25 6.47 -4.19
N HIS B 149 16.35 6.21 -5.49
CA HIS B 149 15.84 7.19 -6.45
C HIS B 149 14.32 7.25 -6.45
N ASP B 150 13.65 6.11 -6.24
CA ASP B 150 12.20 6.12 -6.10
C ASP B 150 11.78 6.88 -4.85
N ALA B 151 12.46 6.64 -3.73
CA ALA B 151 12.12 7.36 -2.51
C ALA B 151 12.29 8.85 -2.69
N PHE B 152 13.37 9.27 -3.36
CA PHE B 152 13.53 10.69 -3.64
C PHE B 152 12.46 11.20 -4.59
N ASP B 153 11.98 10.34 -5.50
CA ASP B 153 10.95 10.76 -6.43
C ASP B 153 9.60 10.94 -5.75
N ILE B 154 9.31 10.14 -4.73
CA ILE B 154 8.00 10.15 -4.07
C ILE B 154 8.06 11.03 -2.83
N GLN B 155 9.06 11.91 -2.76
CA GLN B 155 9.22 12.85 -1.66
C GLN B 155 9.28 12.11 -0.31
N TYR B 156 10.22 11.17 -0.23
CA TYR B 156 10.55 10.49 1.01
C TYR B 156 11.98 10.84 1.42
N GLY B 157 12.22 10.82 2.72
CA GLY B 157 13.58 10.84 3.21
C GLY B 157 14.16 9.43 3.21
N VAL B 158 15.46 9.35 2.98
CA VAL B 158 16.16 8.09 2.93
C VAL B 158 17.28 8.13 3.96
N VAL B 159 17.30 7.14 4.86
CA VAL B 159 18.40 6.96 5.80
C VAL B 159 18.93 5.54 5.61
N VAL B 160 20.24 5.42 5.46
CA VAL B 160 20.89 4.13 5.33
C VAL B 160 21.92 4.01 6.44
N ILE B 161 21.90 2.89 7.15
CA ILE B 161 22.70 2.72 8.34
C ILE B 161 23.54 1.46 8.22
N ARG B 162 24.79 1.54 8.68
CA ARG B 162 25.77 0.50 8.44
C ARG B 162 26.19 -0.16 9.75
N LEU B 163 25.22 -0.51 10.59
CA LEU B 163 25.51 -1.16 11.86
C LEU B 163 26.38 -2.38 11.65
N LYS B 164 27.27 -2.62 12.60
CA LYS B 164 28.03 -3.86 12.60
C LYS B 164 27.16 -5.00 13.11
N GLU B 165 27.00 -6.04 12.30
CA GLU B 165 26.06 -7.11 12.63
C GLU B 165 26.49 -7.95 13.83
N GLY B 166 27.74 -7.82 14.29
CA GLY B 166 28.20 -8.63 15.40
C GLY B 166 27.34 -8.47 16.64
N LEU B 167 26.76 -7.29 16.84
CA LEU B 167 25.88 -7.04 17.98
C LEU B 167 24.65 -7.92 17.92
N LYS B 204 34.63 11.48 25.46
CA LYS B 204 34.23 10.09 25.66
C LYS B 204 33.04 9.76 24.78
N ASN B 205 31.93 9.32 25.37
CA ASN B 205 30.73 9.02 24.60
C ASN B 205 30.24 10.27 23.89
N THR B 206 29.99 10.16 22.59
CA THR B 206 29.57 11.31 21.80
C THR B 206 28.86 10.83 20.55
N ILE B 207 27.94 11.66 20.05
CA ILE B 207 27.21 11.40 18.82
C ILE B 207 27.65 12.44 17.81
N ASP B 208 28.35 12.01 16.76
CA ASP B 208 28.90 12.92 15.77
C ASP B 208 27.84 13.23 14.73
N VAL B 209 27.72 14.50 14.35
CA VAL B 209 26.78 14.94 13.34
C VAL B 209 27.55 15.75 12.32
N TRP B 210 27.64 15.24 11.10
CA TRP B 210 28.32 15.93 10.00
C TRP B 210 27.27 16.60 9.13
N TRP B 211 26.75 17.72 9.60
CA TRP B 211 25.74 18.45 8.84
C TRP B 211 26.41 19.14 7.65
N LEU B 212 26.63 18.39 6.57
CA LEU B 212 27.31 18.90 5.40
C LEU B 212 26.37 19.50 4.36
N PHE B 213 25.16 18.98 4.24
CA PHE B 213 24.22 19.44 3.23
C PHE B 213 22.89 19.77 3.88
N ASP B 214 22.28 20.87 3.44
CA ASP B 214 21.00 21.32 3.97
C ASP B 214 19.88 20.52 3.31
N ASP B 215 19.40 19.50 4.02
CA ASP B 215 18.37 18.60 3.51
C ASP B 215 17.02 18.82 4.16
N GLY B 216 16.85 19.91 4.91
CA GLY B 216 15.62 20.16 5.63
C GLY B 216 15.70 19.92 7.11
N GLY B 217 16.85 19.53 7.63
CA GLY B 217 17.05 19.39 9.06
C GLY B 217 16.92 17.99 9.61
N LEU B 218 16.53 17.01 8.78
CA LEU B 218 16.41 15.64 9.28
C LEU B 218 17.74 15.15 9.85
N THR B 219 18.85 15.51 9.19
CA THR B 219 20.16 15.11 9.69
C THR B 219 20.35 15.55 11.13
N LEU B 220 19.80 16.71 11.50
CA LEU B 220 19.88 17.21 12.86
C LEU B 220 18.72 16.74 13.73
N LEU B 221 17.61 16.32 13.12
CA LEU B 221 16.48 15.85 13.92
C LEU B 221 16.74 14.44 14.45
N ILE B 222 17.42 13.60 13.67
CA ILE B 222 17.70 12.24 14.14
C ILE B 222 18.57 12.25 15.38
N PRO B 223 19.70 12.96 15.44
CA PRO B 223 20.47 12.99 16.69
C PRO B 223 19.68 13.49 17.88
N TYR B 224 18.85 14.52 17.69
CA TYR B 224 18.08 15.04 18.81
C TYR B 224 17.17 13.98 19.40
N LEU B 225 16.46 13.25 18.54
CA LEU B 225 15.60 12.18 19.03
C LEU B 225 16.40 11.07 19.68
N LEU B 226 17.57 10.74 19.12
CA LEU B 226 18.40 9.72 19.74
C LEU B 226 18.78 10.11 21.16
N THR B 227 19.24 11.35 21.36
CA THR B 227 19.73 11.75 22.68
C THR B 227 18.63 11.68 23.72
N THR B 228 17.42 12.12 23.37
CA THR B 228 16.31 12.16 24.32
C THR B 228 15.72 10.76 24.52
N LYS B 229 16.59 9.85 24.97
CA LYS B 229 16.19 8.49 25.26
C LYS B 229 17.09 7.96 26.37
N LYS B 230 16.60 6.92 27.06
CA LYS B 230 17.30 6.42 28.24
C LYS B 230 18.69 5.94 27.90
N LYS B 231 18.88 5.43 26.69
CA LYS B 231 20.19 4.88 26.32
C LYS B 231 21.19 5.99 26.03
N TRP B 232 20.76 7.05 25.35
CA TRP B 232 21.66 8.10 24.87
C TRP B 232 21.55 9.37 25.71
N LYS B 233 21.25 9.26 27.00
CA LYS B 233 21.20 10.46 27.84
C LYS B 233 22.56 11.14 27.89
N ASP B 234 23.62 10.37 28.08
CA ASP B 234 24.98 10.89 28.03
C ASP B 234 25.37 11.04 26.57
N CYS B 235 24.74 12.01 25.91
CA CYS B 235 24.85 12.16 24.47
C CYS B 235 26.10 12.94 24.06
N LYS B 236 26.19 14.20 24.47
CA LYS B 236 27.30 15.05 24.09
C LYS B 236 27.42 15.15 22.56
N ILE B 237 26.36 15.67 21.95
CA ILE B 237 26.36 15.84 20.50
C ILE B 237 27.52 16.73 20.10
N ARG B 238 28.36 16.23 19.19
CA ARG B 238 29.45 17.01 18.62
C ARG B 238 29.17 17.20 17.14
N VAL B 239 29.05 18.46 16.72
CA VAL B 239 28.59 18.80 15.37
C VAL B 239 29.77 19.31 14.57
N PHE B 240 29.91 18.82 13.34
CA PHE B 240 30.95 19.23 12.42
C PHE B 240 30.34 19.88 11.19
N ILE B 241 31.14 20.72 10.53
CA ILE B 241 30.70 21.48 9.37
C ILE B 241 31.78 21.43 8.29
N GLY B 242 31.35 21.73 7.07
CA GLY B 242 32.26 21.89 5.95
C GLY B 242 32.23 23.31 5.42
N GLY B 243 33.32 24.04 5.55
CA GLY B 243 33.39 25.41 5.09
C GLY B 243 34.80 25.78 4.70
N LYS B 244 34.91 26.72 3.76
CA LYS B 244 36.21 27.16 3.29
C LYS B 244 36.85 28.11 4.29
N ILE B 245 38.15 28.33 4.11
CA ILE B 245 38.88 29.21 5.02
C ILE B 245 38.25 30.59 4.99
N ASN B 246 37.72 31.00 6.12
CA ASN B 246 37.02 32.28 6.27
C ASN B 246 36.86 32.54 7.76
N ARG B 247 36.09 33.56 8.11
CA ARG B 247 35.81 33.83 9.51
C ARG B 247 35.04 32.65 10.10
N ILE B 248 35.65 31.98 11.07
CA ILE B 248 34.99 30.86 11.73
C ILE B 248 33.77 31.34 12.50
N ASP B 249 33.79 32.58 12.98
CA ASP B 249 32.71 33.07 13.82
C ASP B 249 31.38 33.05 13.08
N HIS B 250 31.38 33.38 11.79
CA HIS B 250 30.14 33.45 11.03
C HIS B 250 29.40 32.11 11.11
N ASP B 251 30.05 31.04 10.65
CA ASP B 251 29.42 29.73 10.68
C ASP B 251 29.17 29.25 12.10
N ARG B 252 30.06 29.61 13.03
CA ARG B 252 29.87 29.19 14.42
C ARG B 252 28.55 29.74 14.96
N ARG B 253 28.32 31.04 14.82
CA ARG B 253 27.05 31.62 15.25
C ARG B 253 25.89 31.05 14.44
N ALA B 254 26.10 30.82 13.14
CA ALA B 254 25.03 30.27 12.32
C ALA B 254 24.54 28.95 12.89
N MET B 255 25.46 28.02 13.14
CA MET B 255 25.03 26.73 13.67
C MET B 255 24.60 26.84 15.13
N ALA B 256 25.14 27.81 15.87
CA ALA B 256 24.64 28.01 17.23
C ALA B 256 23.15 28.33 17.21
N THR B 257 22.74 29.30 16.38
CA THR B 257 21.34 29.65 16.31
C THR B 257 20.51 28.53 15.70
N LEU B 258 21.05 27.83 14.71
CA LEU B 258 20.31 26.73 14.10
C LEU B 258 20.03 25.63 15.12
N LEU B 259 21.04 25.28 15.94
CA LEU B 259 20.83 24.24 16.94
C LEU B 259 19.94 24.73 18.06
N SER B 260 20.02 26.02 18.41
CA SER B 260 19.08 26.58 19.35
C SER B 260 17.65 26.41 18.84
N LYS B 261 17.45 26.62 17.53
CA LYS B 261 16.16 26.32 16.93
C LYS B 261 15.81 24.84 17.08
N PHE B 262 16.80 23.97 16.86
CA PHE B 262 16.59 22.53 17.01
C PHE B 262 16.76 22.03 18.43
N ARG B 263 17.14 22.90 19.37
CA ARG B 263 17.29 22.50 20.76
C ARG B 263 18.28 21.34 20.92
N ILE B 264 19.33 21.36 20.09
CA ILE B 264 20.31 20.27 20.11
C ILE B 264 21.15 20.32 21.38
N ASP B 265 21.52 21.52 21.83
CA ASP B 265 22.44 21.68 22.96
C ASP B 265 23.77 21.00 22.67
N PHE B 266 24.46 21.55 21.66
CA PHE B 266 25.73 20.98 21.21
C PHE B 266 26.76 20.96 22.33
N SER B 267 27.56 19.89 22.33
CA SER B 267 28.78 19.89 23.15
C SER B 267 29.88 20.72 22.48
N ASP B 268 29.96 20.68 21.15
CA ASP B 268 30.94 21.46 20.41
C ASP B 268 30.48 21.55 18.96
N ILE B 269 30.70 22.71 18.36
CA ILE B 269 30.44 22.94 16.94
C ILE B 269 31.76 23.23 16.27
N MET B 270 32.14 22.40 15.31
CA MET B 270 33.43 22.49 14.66
C MET B 270 33.24 22.75 13.18
N VAL B 271 34.18 23.47 12.57
CA VAL B 271 34.19 23.73 11.14
C VAL B 271 35.50 23.19 10.58
N LEU B 272 35.40 22.36 9.54
CA LEU B 272 36.55 21.71 8.94
C LEU B 272 36.74 22.23 7.52
N GLY B 273 37.94 22.74 7.24
CA GLY B 273 38.30 23.20 5.92
C GLY B 273 39.09 22.20 5.10
N ASP B 274 39.37 21.02 5.63
CA ASP B 274 40.10 20.00 4.89
C ASP B 274 39.26 19.34 3.81
N ILE B 275 37.95 19.55 3.81
CA ILE B 275 37.10 18.90 2.82
C ILE B 275 37.43 19.44 1.43
N ASN B 276 37.17 18.62 0.42
CA ASN B 276 37.42 18.99 -0.97
C ASN B 276 38.91 19.22 -1.21
N THR B 277 39.71 18.25 -0.78
CA THR B 277 41.14 18.25 -1.04
C THR B 277 41.57 16.84 -1.42
N LYS B 278 42.66 16.76 -2.15
CA LYS B 278 43.15 15.46 -2.59
C LYS B 278 43.45 14.59 -1.38
N PRO B 279 42.88 13.39 -1.29
CA PRO B 279 43.22 12.49 -0.19
C PRO B 279 44.55 11.80 -0.43
N LYS B 280 44.92 10.94 0.51
CA LYS B 280 46.18 10.20 0.38
C LYS B 280 46.09 9.21 -0.77
N LYS B 281 47.25 8.94 -1.37
CA LYS B 281 47.29 8.05 -2.53
C LYS B 281 46.85 6.63 -2.16
N GLU B 282 47.14 6.19 -0.93
CA GLU B 282 46.80 4.83 -0.54
C GLU B 282 45.30 4.59 -0.61
N ASN B 283 44.52 5.52 -0.06
CA ASN B 283 43.07 5.39 -0.11
C ASN B 283 42.56 5.43 -1.55
N ILE B 284 43.14 6.29 -2.39
CA ILE B 284 42.70 6.38 -3.77
C ILE B 284 42.93 5.05 -4.48
N ILE B 285 44.10 4.44 -4.28
CA ILE B 285 44.37 3.17 -4.95
C ILE B 285 43.49 2.08 -4.37
N ALA B 286 43.21 2.11 -3.07
CA ALA B 286 42.30 1.13 -2.50
C ALA B 286 40.91 1.24 -3.13
N PHE B 287 40.40 2.46 -3.27
CA PHE B 287 39.12 2.65 -3.93
C PHE B 287 39.17 2.14 -5.37
N GLU B 288 40.22 2.50 -6.11
CA GLU B 288 40.34 2.02 -7.48
C GLU B 288 40.36 0.51 -7.53
N GLU B 289 40.88 -0.14 -6.49
CA GLU B 289 40.89 -1.59 -6.43
C GLU B 289 39.51 -2.15 -6.12
N ILE B 290 38.71 -1.41 -5.35
CA ILE B 290 37.36 -1.87 -5.03
C ILE B 290 36.52 -1.98 -6.29
N ILE B 291 36.59 -0.97 -7.15
CA ILE B 291 35.75 -0.92 -8.35
C ILE B 291 36.44 -1.59 -9.52
N GLU B 292 37.58 -2.23 -9.27
CA GLU B 292 38.32 -2.84 -10.37
C GLU B 292 37.51 -3.91 -11.10
N PRO B 293 36.83 -4.84 -10.41
CA PRO B 293 36.04 -5.83 -11.15
C PRO B 293 34.94 -5.23 -11.99
N TYR B 294 34.33 -4.13 -11.56
CA TYR B 294 33.20 -3.54 -12.26
C TYR B 294 33.59 -2.43 -13.22
N ARG B 295 34.86 -2.04 -13.25
CA ARG B 295 35.26 -0.93 -14.11
C ARG B 295 35.26 -1.34 -15.56
N LEU B 296 34.89 -0.40 -16.43
CA LEU B 296 34.95 -0.58 -17.88
C LEU B 296 36.09 0.30 -18.37
N HIS B 297 37.27 -0.30 -18.51
CA HIS B 297 38.44 0.40 -19.04
C HIS B 297 38.36 0.45 -20.56
N GLU B 298 37.35 1.18 -21.04
CA GLU B 298 37.11 1.27 -22.48
C GLU B 298 38.25 1.98 -23.19
N ASP B 299 38.84 2.99 -22.55
CA ASP B 299 39.98 3.67 -23.16
C ASP B 299 41.14 2.71 -23.35
N ASP B 300 41.39 1.84 -22.37
CA ASP B 300 42.49 0.90 -22.48
C ASP B 300 42.18 -0.23 -23.45
N LYS B 301 40.96 -0.74 -23.44
CA LYS B 301 40.59 -1.86 -24.29
C LYS B 301 40.02 -1.36 -25.62
N GLU B 302 39.79 -2.30 -26.53
CA GLU B 302 39.32 -1.96 -27.86
C GLU B 302 37.88 -1.46 -27.79
N GLN B 303 37.57 -0.49 -28.66
CA GLN B 303 36.28 0.21 -28.56
C GLN B 303 35.11 -0.74 -28.81
N ASP B 304 35.23 -1.62 -29.80
CA ASP B 304 34.11 -2.50 -30.14
C ASP B 304 33.76 -3.42 -28.98
N ILE B 305 34.76 -4.03 -28.36
CA ILE B 305 34.51 -4.92 -27.23
C ILE B 305 33.90 -4.14 -26.08
N ALA B 306 34.43 -2.94 -25.81
CA ALA B 306 33.91 -2.11 -24.74
C ALA B 306 32.43 -1.81 -24.97
N ASP B 307 32.08 -1.41 -26.19
CA ASP B 307 30.69 -1.10 -26.49
C ASP B 307 29.80 -2.34 -26.34
N LYS B 308 30.26 -3.48 -26.86
CA LYS B 308 29.47 -4.69 -26.77
C LYS B 308 29.20 -5.07 -25.33
N MET B 309 30.23 -5.05 -24.49
CA MET B 309 30.06 -5.47 -23.11
C MET B 309 29.31 -4.41 -22.29
N LYS B 310 29.39 -3.15 -22.68
CA LYS B 310 28.53 -2.13 -22.07
C LYS B 310 27.06 -2.43 -22.37
N GLU B 311 26.76 -2.81 -23.61
CA GLU B 311 25.39 -3.17 -23.94
C GLU B 311 24.96 -4.44 -23.21
N ASP B 312 25.86 -5.41 -23.07
CA ASP B 312 25.54 -6.63 -22.32
C ASP B 312 25.34 -6.35 -20.84
N GLU B 313 26.16 -5.47 -20.26
CA GLU B 313 26.12 -5.17 -18.83
C GLU B 313 26.09 -3.67 -18.65
N PRO B 314 24.89 -3.06 -18.68
CA PRO B 314 24.82 -1.59 -18.63
C PRO B 314 25.31 -1.00 -17.31
N TRP B 315 25.54 -1.81 -16.29
CA TRP B 315 25.99 -1.32 -14.99
C TRP B 315 27.49 -1.09 -14.92
N ARG B 316 28.24 -1.39 -15.99
CA ARG B 316 29.68 -1.24 -15.97
C ARG B 316 30.06 0.23 -15.80
N ILE B 317 31.16 0.47 -15.08
CA ILE B 317 31.64 1.82 -14.82
C ILE B 317 32.59 2.22 -15.94
N THR B 318 32.19 3.20 -16.74
CA THR B 318 33.04 3.69 -17.80
C THR B 318 34.10 4.63 -17.23
N ASP B 319 35.20 4.78 -17.98
CA ASP B 319 36.26 5.68 -17.54
C ASP B 319 35.82 7.14 -17.59
N ASN B 320 34.97 7.50 -18.54
CA ASN B 320 34.47 8.86 -18.59
C ASN B 320 33.74 9.21 -17.31
N GLU B 321 33.05 8.25 -16.71
CA GLU B 321 32.37 8.49 -15.44
C GLU B 321 33.38 8.87 -14.36
N LEU B 322 34.47 8.13 -14.27
CA LEU B 322 35.49 8.44 -13.28
C LEU B 322 36.11 9.80 -13.53
N GLU B 323 36.41 10.12 -14.79
CA GLU B 323 37.01 11.41 -15.10
C GLU B 323 36.06 12.55 -14.73
N LEU B 324 34.79 12.42 -15.06
CA LEU B 324 33.82 13.46 -14.72
C LEU B 324 33.67 13.59 -13.21
N TYR B 325 33.59 12.46 -12.50
CA TYR B 325 33.30 12.42 -11.08
C TYR B 325 34.55 12.17 -10.25
N LYS B 326 35.72 12.59 -10.75
CA LYS B 326 36.93 12.44 -9.95
C LYS B 326 36.87 13.32 -8.71
N THR B 327 36.36 14.53 -8.85
CA THR B 327 36.23 15.41 -7.68
C THR B 327 35.24 14.85 -6.67
N LYS B 328 34.11 14.31 -7.14
CA LYS B 328 33.13 13.73 -6.24
C LYS B 328 33.71 12.54 -5.50
N THR B 329 34.42 11.66 -6.21
CA THR B 329 35.03 10.50 -5.56
C THR B 329 36.09 10.93 -4.56
N TYR B 330 36.90 11.93 -4.92
CA TYR B 330 37.89 12.43 -3.99
C TYR B 330 37.24 13.00 -2.74
N ARG B 331 36.12 13.70 -2.92
CA ARG B 331 35.40 14.19 -1.75
C ARG B 331 34.92 13.04 -0.88
N GLN B 332 34.39 11.99 -1.51
CA GLN B 332 33.88 10.85 -0.74
C GLN B 332 34.98 10.12 0.00
N ILE B 333 36.20 10.11 -0.52
CA ILE B 333 37.30 9.41 0.15
C ILE B 333 37.89 10.30 1.23
N ARG B 334 38.05 11.59 0.91
CA ARG B 334 38.57 12.52 1.90
C ARG B 334 37.64 12.62 3.09
N LEU B 335 36.33 12.53 2.87
CA LEU B 335 35.39 12.62 3.97
C LEU B 335 35.51 11.41 4.88
N ASN B 336 35.70 10.23 4.31
CA ASN B 336 35.93 9.04 5.12
C ASN B 336 37.21 9.18 5.94
N GLU B 337 38.29 9.67 5.31
CA GLU B 337 39.52 9.91 6.06
C GLU B 337 39.28 10.89 7.21
N LEU B 338 38.57 11.97 6.92
CA LEU B 338 38.35 13.03 7.90
C LEU B 338 37.56 12.52 9.08
N LEU B 339 36.50 11.74 8.83
CA LEU B 339 35.69 11.23 9.93
C LEU B 339 36.31 10.02 10.61
N LYS B 340 37.28 9.38 9.95
CA LYS B 340 38.04 8.34 10.65
C LYS B 340 39.00 8.97 11.65
N GLU B 341 39.69 10.03 11.25
CA GLU B 341 40.63 10.66 12.17
C GLU B 341 39.93 11.47 13.25
N HIS B 342 38.90 12.24 12.89
CA HIS B 342 38.24 13.11 13.85
C HIS B 342 37.23 12.35 14.70
N SER B 343 36.57 11.34 14.15
CA SER B 343 35.45 10.67 14.79
C SER B 343 35.69 9.17 14.88
N SER B 344 36.92 8.78 15.22
CA SER B 344 37.22 7.36 15.34
C SER B 344 36.37 6.73 16.42
N THR B 345 36.22 7.40 17.56
CA THR B 345 35.41 6.92 18.67
C THR B 345 34.15 7.76 18.75
N ALA B 346 33.02 7.15 18.43
CA ALA B 346 31.73 7.82 18.55
C ALA B 346 30.64 6.77 18.40
N ASN B 347 29.64 6.81 19.29
CA ASN B 347 28.61 5.79 19.27
C ASN B 347 27.82 5.82 17.97
N ILE B 348 27.50 7.01 17.49
CA ILE B 348 26.72 7.19 16.27
C ILE B 348 27.38 8.27 15.44
N ILE B 349 27.36 8.10 14.12
CA ILE B 349 27.85 9.08 13.17
C ILE B 349 26.73 9.33 12.19
N VAL B 350 26.18 10.55 12.19
CA VAL B 350 25.04 10.89 11.37
C VAL B 350 25.50 11.88 10.31
N MET B 351 25.49 11.46 9.04
CA MET B 351 26.05 12.25 7.96
C MET B 351 25.00 12.44 6.88
N SER B 352 25.16 13.52 6.11
CA SER B 352 24.35 13.71 4.91
C SER B 352 24.73 12.69 3.85
N LEU B 353 23.73 12.19 3.14
CA LEU B 353 23.90 11.09 2.20
C LEU B 353 24.28 11.62 0.82
N PRO B 354 25.29 11.05 0.16
CA PRO B 354 25.57 11.44 -1.22
C PRO B 354 24.39 11.15 -2.14
N VAL B 355 24.19 12.02 -3.12
CA VAL B 355 23.12 11.85 -4.09
C VAL B 355 23.68 12.09 -5.49
N ALA B 356 23.06 11.46 -6.48
CA ALA B 356 23.43 11.65 -7.86
C ALA B 356 22.16 11.67 -8.70
N ARG B 357 22.27 12.26 -9.89
CA ARG B 357 21.13 12.31 -10.79
C ARG B 357 20.70 10.91 -11.16
N LYS B 358 19.41 10.75 -11.48
CA LYS B 358 18.88 9.44 -11.82
C LYS B 358 19.50 8.97 -13.12
N GLY B 359 20.44 8.02 -13.03
CA GLY B 359 21.09 7.47 -14.20
C GLY B 359 22.43 8.09 -14.54
N ALA B 360 22.81 9.19 -13.91
CA ALA B 360 24.09 9.82 -14.22
C ALA B 360 25.25 8.94 -13.81
N VAL B 361 25.11 8.20 -12.71
CA VAL B 361 26.14 7.32 -12.19
C VAL B 361 25.66 5.89 -12.28
N SER B 362 26.53 5.00 -12.75
CA SER B 362 26.18 3.59 -12.75
C SER B 362 26.01 3.11 -11.32
N SER B 363 25.08 2.17 -11.13
CA SER B 363 24.78 1.69 -9.79
C SER B 363 26.03 1.22 -9.06
N ALA B 364 26.96 0.59 -9.78
CA ALA B 364 28.18 0.13 -9.15
C ALA B 364 28.98 1.29 -8.59
N LEU B 365 29.08 2.40 -9.33
CA LEU B 365 29.84 3.54 -8.84
C LEU B 365 29.16 4.20 -7.64
N TYR B 366 27.84 4.32 -7.67
CA TYR B 366 27.13 4.87 -6.52
C TYR B 366 27.34 4.02 -5.28
N MET B 367 27.20 2.70 -5.44
CA MET B 367 27.39 1.81 -4.31
C MET B 367 28.83 1.85 -3.82
N ALA B 368 29.80 1.99 -4.73
CA ALA B 368 31.18 2.12 -4.33
C ALA B 368 31.42 3.41 -3.55
N TRP B 369 30.78 4.50 -3.96
CA TRP B 369 30.86 5.74 -3.19
C TRP B 369 30.34 5.54 -1.78
N LEU B 370 29.16 4.94 -1.67
CA LEU B 370 28.57 4.72 -0.35
C LEU B 370 29.46 3.80 0.50
N GLU B 371 30.09 2.82 -0.13
CA GLU B 371 30.95 1.89 0.60
C GLU B 371 32.23 2.55 1.05
N ALA B 372 32.77 3.46 0.24
CA ALA B 372 34.01 4.15 0.61
C ALA B 372 33.77 5.25 1.64
N LEU B 373 32.58 5.86 1.63
CA LEU B 373 32.29 6.88 2.63
C LEU B 373 32.18 6.31 4.02
N SER B 374 31.72 5.06 4.15
CA SER B 374 31.51 4.43 5.44
C SER B 374 32.34 3.16 5.56
N LYS B 375 33.63 3.25 5.21
CA LYS B 375 34.43 2.05 5.01
C LYS B 375 34.53 1.23 6.30
N ASP B 376 35.17 1.80 7.32
CA ASP B 376 35.38 1.08 8.59
C ASP B 376 35.17 2.07 9.74
N LEU B 377 33.94 2.14 10.23
CA LEU B 377 33.55 3.10 11.25
C LEU B 377 32.61 2.49 12.27
N PRO B 378 32.24 3.23 13.31
CA PRO B 378 31.16 2.79 14.20
C PRO B 378 29.83 2.82 13.47
N PRO B 379 28.74 2.53 14.17
CA PRO B 379 27.43 2.70 13.53
C PRO B 379 27.29 4.05 12.85
N ILE B 380 27.22 4.05 11.54
CA ILE B 380 27.13 5.28 10.75
C ILE B 380 25.75 5.32 10.09
N LEU B 381 25.13 6.49 10.11
CA LEU B 381 23.72 6.65 9.78
C LEU B 381 23.61 7.78 8.76
N LEU B 382 23.82 7.47 7.49
CA LEU B 382 23.74 8.48 6.44
C LEU B 382 22.29 8.86 6.22
N VAL B 383 22.01 10.16 6.19
CA VAL B 383 20.65 10.67 6.22
C VAL B 383 20.45 11.67 5.09
N ARG B 384 19.25 11.65 4.51
CA ARG B 384 18.81 12.71 3.64
C ARG B 384 17.30 12.81 3.76
N GLY B 385 16.77 14.01 3.63
CA GLY B 385 15.35 14.22 3.82
C GLY B 385 14.77 15.19 2.81
N ASN B 386 13.48 15.04 2.57
CA ASN B 386 12.74 16.02 1.79
C ASN B 386 12.75 17.36 2.52
N HIS B 387 12.86 18.44 1.75
CA HIS B 387 13.07 19.77 2.31
C HIS B 387 11.76 20.30 2.89
N GLN B 388 11.34 19.69 4.00
CA GLN B 388 10.09 20.09 4.65
C GLN B 388 10.14 20.17 6.18
N SER B 389 11.14 19.61 6.85
CA SER B 389 11.14 19.63 8.31
C SER B 389 11.71 20.93 8.84
N VAL B 390 11.15 22.06 8.40
CA VAL B 390 11.68 23.38 8.73
C VAL B 390 11.13 23.74 10.12
N LEU B 391 11.95 23.53 11.15
CA LEU B 391 11.60 23.78 12.55
C LEU B 391 10.15 23.39 12.82
N THR B 392 9.70 22.27 12.27
CA THR B 392 8.30 21.89 12.34
C THR B 392 8.00 20.92 13.47
N PHE B 393 8.97 20.14 13.89
CA PHE B 393 8.77 19.16 14.95
C PHE B 393 8.22 19.83 16.21
N1 FUN C . -16.87 2.23 -10.31
S1 FUN C . -15.75 2.41 -11.59
O1 FUN C . -15.33 1.11 -12.12
O2 FUN C . -16.37 3.03 -12.76
C1 FUN C . -14.32 3.37 -11.03
C2 FUN C . -13.48 2.85 -10.06
CL1 FUN C . -13.82 1.24 -9.37
C3 FUN C . -12.39 3.59 -9.63
C4 FUN C . -12.14 4.84 -10.17
N2 FUN C . -10.98 5.58 -9.70
C5 FUN C . -9.84 5.80 -10.58
C6 FUN C . -9.61 7.30 -10.74
C7 FUN C . -8.74 7.89 -11.61
C8 FUN C . -8.83 9.24 -11.45
C9 FUN C . -9.78 9.48 -10.48
O3 FUN C . -10.25 8.27 -10.04
C10 FUN C . -12.98 5.35 -11.14
C11 FUN C . -14.08 4.62 -11.57
C12 FUN C . -12.72 6.73 -11.75
O4 FUN C . -13.31 7.75 -11.30
O5 FUN C . -11.95 6.83 -12.74
N1 FUN D . 18.22 -3.43 3.42
S1 FUN D . 18.33 -4.24 1.92
O1 FUN D . 18.46 -3.29 0.80
O2 FUN D . 19.59 -4.98 1.81
C1 FUN D . 16.90 -5.34 1.71
C2 FUN D . 15.70 -4.83 1.26
CL1 FUN D . 15.53 -3.09 0.90
C3 FUN D . 14.61 -5.67 1.11
C4 FUN D . 14.70 -7.02 1.38
N2 FUN D . 13.46 -7.76 1.17
C5 FUN D . 13.28 -9.20 1.33
C6 FUN D . 13.80 -9.96 0.11
C7 FUN D . 13.30 -11.14 -0.38
C8 FUN D . 14.03 -11.49 -1.47
C9 FUN D . 14.99 -10.53 -1.66
O3 FUN D . 14.85 -9.58 -0.69
C10 FUN D . 15.93 -7.53 1.83
C11 FUN D . 17.01 -6.68 1.99
C12 FUN D . 16.18 -9.01 2.18
O4 FUN D . 16.48 -9.81 1.27
O5 FUN D . 16.11 -9.38 3.37
#